data_6RXE
#
_entry.id   6RXE
#
_cell.length_a   70.829
_cell.length_b   106.411
_cell.length_c   76.462
_cell.angle_alpha   90.00
_cell.angle_beta   112.64
_cell.angle_gamma   90.00
#
_symmetry.space_group_name_H-M   'P 1 21 1'
#
loop_
_entity.id
_entity.type
_entity.pdbx_description
1 polymer 'Histidine acid phosphatase'
2 non-polymer D-MYO-INOSITOL-HEXASULPHATE
3 non-polymer 'PHOSPHATE ION'
4 water water
#
_entity_poly.entity_id   1
_entity_poly.type   'polypeptide(L)'
_entity_poly.pdbx_seq_one_letter_code
;GPMEADGRYYSSKQPYVAPNDATASSYSKAPKGYGPIYTESMARHGSRGLSSYKYDALLMRMAETAARDGGFKSEAIKAE
FVKNLSGITAANVENGYGMLTGQGAQQHYGIGERAYQRNRSLFDQAAADGGTIAYQSSGEARATESGENFEKGFNEASGG
RLIGNVSAPTNPADSGNGKDFQKNPDTLYFHKVQNPDGTSKVPGTKAYDIANNYQNFVANDATIAGAEKTIGDNVDVKRA
SHDLLSQIFTEEFLAKLENGEYKWYNTTDGTKKGGKNCAPGADASKDPDACGEVSKKIKSEYDAAMDLYNLYIIAADMHN
ENTGDHTFAFDQYFQGAYADDARMFAWALDAEDFYEKGPSYAGQNETYSIAQPLLDDFLNTIDARVNGGSTVATFRFAHA
ETMMPFAALLGLPGSTQQAPASTTDVYTYGNNEWRGESVTPMAANVQWDVYARKGEDPATGQRYTPIVRMLYNENEVPFR
SECTPVADGSTWYKLTELKSCLAADHKTLGQDARI
;
_entity_poly.pdbx_strand_id   A,B
#
loop_
_chem_comp.id
_chem_comp.type
_chem_comp.name
_chem_comp.formula
IHS non-polymer D-MYO-INOSITOL-HEXASULPHATE 'C6 H12 O24 S6'
PO4 non-polymer 'PHOSPHATE ION' 'O4 P -3'
#
# COMPACT_ATOMS: atom_id res chain seq x y z
N GLY A 7 6.31 9.65 -0.33
CA GLY A 7 5.64 9.99 -1.55
C GLY A 7 5.90 11.42 -2.00
N ARG A 8 5.20 11.82 -3.08
CA ARG A 8 5.19 13.17 -3.62
C ARG A 8 3.84 13.85 -3.45
N TYR A 9 2.81 13.08 -3.12
CA TYR A 9 1.47 13.56 -2.78
C TYR A 9 0.83 14.31 -3.94
N TYR A 10 0.68 13.60 -5.07
CA TYR A 10 0.02 14.15 -6.24
C TYR A 10 -1.49 13.91 -6.24
N SER A 11 -2.02 13.16 -5.28
CA SER A 11 -3.45 12.91 -5.17
C SER A 11 -4.00 12.37 -6.49
N SER A 12 -5.21 12.78 -6.87
CA SER A 12 -5.84 12.32 -8.11
C SER A 12 -5.17 12.85 -9.37
N LYS A 13 -4.10 13.65 -9.26
CA LYS A 13 -3.32 14.02 -10.42
C LYS A 13 -2.04 13.20 -10.53
N GLN A 14 -1.93 12.13 -9.76
CA GLN A 14 -0.83 11.18 -9.87
C GLN A 14 -0.76 10.62 -11.29
N PRO A 15 0.36 10.75 -12.00
CA PRO A 15 0.50 10.08 -13.29
C PRO A 15 0.43 8.57 -13.12
N TYR A 16 0.04 7.89 -14.21
CA TYR A 16 -0.13 6.45 -14.18
C TYR A 16 1.20 5.75 -13.91
N VAL A 17 1.16 4.72 -13.07
CA VAL A 17 2.30 3.87 -12.80
C VAL A 17 2.07 2.56 -13.55
N ALA A 18 2.74 2.39 -14.68
CA ALA A 18 2.57 1.19 -15.50
C ALA A 18 3.17 -0.03 -14.81
N PRO A 19 2.61 -1.22 -15.03
CA PRO A 19 3.17 -2.42 -14.40
C PRO A 19 4.54 -2.74 -14.98
N ASN A 20 5.42 -3.25 -14.12
CA ASN A 20 6.69 -3.76 -14.63
C ASN A 20 6.47 -5.09 -15.33
N ASP A 21 7.52 -5.57 -16.00
CA ASP A 21 7.39 -6.74 -16.84
C ASP A 21 7.01 -7.99 -16.05
N ALA A 22 7.49 -8.10 -14.80
CA ALA A 22 7.16 -9.26 -13.99
C ALA A 22 5.67 -9.31 -13.66
N THR A 23 5.08 -8.16 -13.33
CA THR A 23 3.64 -8.11 -13.11
C THR A 23 2.86 -8.49 -14.37
N ALA A 24 3.20 -7.86 -15.49
CA ALA A 24 2.45 -8.05 -16.74
C ALA A 24 2.57 -9.46 -17.28
N SER A 25 3.56 -10.23 -16.85
CA SER A 25 3.76 -11.58 -17.38
C SER A 25 3.43 -12.66 -16.35
N SER A 26 2.85 -12.31 -15.21
CA SER A 26 2.57 -13.28 -14.16
C SER A 26 1.10 -13.31 -13.75
N TYR A 27 0.20 -12.87 -14.62
CA TYR A 27 -1.22 -12.94 -14.31
C TYR A 27 -1.66 -14.39 -14.24
N SER A 28 -2.61 -14.67 -13.33
CA SER A 28 -3.06 -16.04 -13.12
C SER A 28 -3.72 -16.61 -14.37
N LYS A 29 -3.55 -17.92 -14.56
CA LYS A 29 -4.17 -18.63 -15.67
C LYS A 29 -5.54 -19.16 -15.23
N ALA A 30 -6.51 -19.11 -16.14
CA ALA A 30 -7.84 -19.64 -15.84
C ALA A 30 -7.76 -21.14 -15.58
N PRO A 31 -8.71 -21.68 -14.81
CA PRO A 31 -8.72 -23.13 -14.56
C PRO A 31 -8.84 -23.93 -15.84
N LYS A 32 -8.42 -25.19 -15.76
CA LYS A 32 -8.42 -26.09 -16.91
C LYS A 32 -9.80 -26.19 -17.53
N GLY A 33 -9.84 -26.14 -18.86
CA GLY A 33 -11.09 -26.25 -19.59
C GLY A 33 -11.75 -24.94 -19.94
N TYR A 34 -11.23 -23.81 -19.48
CA TYR A 34 -11.82 -22.50 -19.74
C TYR A 34 -10.92 -21.71 -20.69
N GLY A 35 -11.53 -21.18 -21.76
CA GLY A 35 -10.82 -20.35 -22.71
C GLY A 35 -11.48 -18.99 -22.84
N PRO A 36 -10.73 -18.01 -23.35
CA PRO A 36 -11.24 -16.63 -23.35
C PRO A 36 -12.40 -16.43 -24.31
N ILE A 37 -13.43 -15.72 -23.84
CA ILE A 37 -14.53 -15.33 -24.69
C ILE A 37 -14.76 -13.82 -24.72
N TYR A 38 -14.25 -13.06 -23.74
CA TYR A 38 -14.60 -11.64 -23.74
C TYR A 38 -13.62 -10.87 -22.86
N THR A 39 -13.47 -9.57 -23.17
CA THR A 39 -12.77 -8.68 -22.26
C THR A 39 -13.34 -7.27 -22.36
N GLU A 40 -13.21 -6.52 -21.27
CA GLU A 40 -13.75 -5.17 -21.27
C GLU A 40 -13.00 -4.32 -20.27
N SER A 41 -13.23 -3.02 -20.37
CA SER A 41 -12.46 -2.05 -19.60
C SER A 41 -13.26 -0.77 -19.44
N MET A 42 -12.96 -0.07 -18.35
CA MET A 42 -13.22 1.37 -18.24
C MET A 42 -11.98 2.03 -17.66
N ALA A 43 -11.47 3.03 -18.37
CA ALA A 43 -10.25 3.70 -17.99
C ALA A 43 -10.47 5.20 -17.91
N ARG A 44 -9.90 5.84 -16.88
CA ARG A 44 -9.84 7.29 -16.89
C ARG A 44 -8.94 7.76 -18.04
N HIS A 45 -9.22 8.96 -18.53
CA HIS A 45 -8.31 9.61 -19.45
C HIS A 45 -6.91 9.65 -18.85
N GLY A 46 -5.89 9.67 -19.71
CA GLY A 46 -4.53 9.81 -19.27
C GLY A 46 -4.23 11.23 -18.81
N SER A 47 -2.96 11.45 -18.44
CA SER A 47 -2.51 12.74 -17.94
C SER A 47 -2.98 13.87 -18.85
N ARG A 48 -3.42 14.97 -18.22
CA ARG A 48 -3.99 16.12 -18.89
C ARG A 48 -3.40 17.39 -18.30
N GLY A 49 -3.62 18.50 -18.98
CA GLY A 49 -3.35 19.80 -18.40
C GLY A 49 -4.45 20.18 -17.44
N LEU A 50 -4.42 21.44 -17.02
CA LEU A 50 -5.54 21.99 -16.25
C LEU A 50 -6.84 21.81 -17.05
N SER A 51 -7.92 21.51 -16.33
CA SER A 51 -9.20 21.29 -17.00
C SER A 51 -9.86 22.60 -17.43
N SER A 52 -9.53 23.71 -16.79
CA SER A 52 -10.04 25.01 -17.21
C SER A 52 -9.12 26.10 -16.64
N TYR A 53 -9.35 27.32 -17.11
CA TYR A 53 -8.61 28.49 -16.63
C TYR A 53 -9.23 28.87 -15.28
N LYS A 54 -8.69 28.27 -14.21
CA LYS A 54 -9.32 28.35 -12.90
C LYS A 54 -8.31 28.55 -11.79
N TYR A 55 -7.51 27.52 -11.47
CA TYR A 55 -6.51 27.65 -10.41
C TYR A 55 -5.47 28.69 -10.77
N ASP A 56 -4.91 28.59 -11.99
CA ASP A 56 -3.94 29.59 -12.44
C ASP A 56 -4.58 30.96 -12.60
N ALA A 57 -5.84 31.00 -13.06
CA ALA A 57 -6.55 32.27 -13.21
C ALA A 57 -6.69 32.99 -11.88
N LEU A 58 -7.24 32.30 -10.88
CA LEU A 58 -7.46 32.90 -9.58
C LEU A 58 -6.15 33.33 -8.93
N LEU A 59 -5.11 32.49 -9.06
CA LEU A 59 -3.83 32.89 -8.50
C LEU A 59 -3.25 34.11 -9.22
N MET A 60 -3.52 34.28 -10.52
CA MET A 60 -3.01 35.46 -11.21
CA MET A 60 -3.01 35.45 -11.22
C MET A 60 -3.76 36.71 -10.79
N ARG A 61 -5.07 36.59 -10.51
CA ARG A 61 -5.81 37.74 -10.01
C ARG A 61 -5.29 38.16 -8.63
N MET A 62 -5.09 37.16 -7.77
CA MET A 62 -4.47 37.42 -6.46
C MET A 62 -3.11 38.09 -6.62
N ALA A 63 -2.32 37.64 -7.58
CA ALA A 63 -0.99 38.20 -7.82
C ALA A 63 -1.08 39.66 -8.27
N GLU A 64 -2.03 39.97 -9.16
CA GLU A 64 -2.20 41.35 -9.60
C GLU A 64 -2.55 42.26 -8.42
N THR A 65 -3.44 41.80 -7.53
CA THR A 65 -3.76 42.62 -6.36
C THR A 65 -2.56 42.77 -5.44
N ALA A 66 -1.78 41.70 -5.26
CA ALA A 66 -0.60 41.80 -4.40
C ALA A 66 0.42 42.77 -4.98
N ALA A 67 0.58 42.77 -6.30
CA ALA A 67 1.47 43.73 -6.93
C ALA A 67 0.96 45.16 -6.77
N ARG A 68 -0.37 45.34 -6.81
CA ARG A 68 -0.91 46.69 -6.71
C ARG A 68 -0.81 47.22 -5.27
N ASP A 69 -0.98 46.35 -4.28
CA ASP A 69 -0.95 46.75 -2.87
C ASP A 69 0.36 46.42 -2.20
N GLY A 70 1.39 46.05 -2.95
CA GLY A 70 2.67 45.68 -2.36
C GLY A 70 2.61 44.47 -1.47
N GLY A 71 1.87 43.44 -1.88
CA GLY A 71 1.69 42.24 -1.08
C GLY A 71 2.71 41.15 -1.26
N PHE A 72 3.66 41.32 -2.17
CA PHE A 72 4.74 40.35 -2.33
C PHE A 72 5.87 40.66 -1.38
N LYS A 73 6.57 39.62 -0.93
CA LYS A 73 7.63 39.78 0.05
C LYS A 73 8.90 40.40 -0.53
N SER A 74 9.12 40.26 -1.84
CA SER A 74 10.25 40.89 -2.49
C SER A 74 9.97 40.93 -3.99
N GLU A 75 10.76 41.73 -4.70
CA GLU A 75 10.62 41.79 -6.15
C GLU A 75 11.06 40.49 -6.81
N ALA A 76 12.09 39.86 -6.26
CA ALA A 76 12.51 38.55 -6.77
C ALA A 76 11.40 37.51 -6.59
N ILE A 77 10.77 37.50 -5.41
CA ILE A 77 9.73 36.51 -5.15
C ILE A 77 8.51 36.78 -6.02
N LYS A 78 8.15 38.06 -6.19
CA LYS A 78 7.08 38.41 -7.10
C LYS A 78 7.36 37.92 -8.52
N ALA A 79 8.57 38.22 -9.02
CA ALA A 79 8.93 37.82 -10.37
C ALA A 79 8.88 36.31 -10.53
N GLU A 80 9.37 35.57 -9.54
CA GLU A 80 9.36 34.12 -9.62
C GLU A 80 7.93 33.58 -9.69
N PHE A 81 7.07 34.06 -8.78
CA PHE A 81 5.69 33.59 -8.74
C PHE A 81 4.95 33.91 -10.03
N VAL A 82 5.06 35.16 -10.49
CA VAL A 82 4.35 35.58 -11.69
C VAL A 82 4.87 34.84 -12.91
N LYS A 83 6.19 34.59 -12.96
CA LYS A 83 6.77 33.87 -14.08
C LYS A 83 6.23 32.44 -14.14
N ASN A 84 6.15 31.77 -13.00
CA ASN A 84 5.63 30.39 -13.00
C ASN A 84 4.16 30.36 -13.38
N LEU A 85 3.36 31.31 -12.87
CA LEU A 85 1.96 31.37 -13.27
C LEU A 85 1.81 31.56 -14.77
N SER A 86 2.52 32.56 -15.31
CA SER A 86 2.47 32.84 -16.74
C SER A 86 2.90 31.62 -17.55
N GLY A 87 3.93 30.91 -17.07
CA GLY A 87 4.42 29.75 -17.81
C GLY A 87 3.40 28.64 -17.88
N ILE A 88 2.81 28.26 -16.74
CA ILE A 88 1.86 27.15 -16.79
C ILE A 88 0.59 27.55 -17.55
N THR A 89 0.18 28.83 -17.45
CA THR A 89 -0.97 29.26 -18.23
C THR A 89 -0.67 29.20 -19.72
N ALA A 90 0.53 29.66 -20.13
CA ALA A 90 0.91 29.61 -21.54
C ALA A 90 0.98 28.19 -22.06
N ALA A 91 1.56 27.28 -21.26
CA ALA A 91 1.62 25.86 -21.64
C ALA A 91 0.23 25.29 -21.85
N ASN A 92 -0.72 25.62 -20.97
CA ASN A 92 -2.07 25.12 -21.13
C ASN A 92 -2.78 25.77 -22.31
N VAL A 93 -2.45 27.03 -22.61
CA VAL A 93 -3.03 27.68 -23.78
C VAL A 93 -2.57 26.99 -25.06
N GLU A 94 -1.29 26.64 -25.14
CA GLU A 94 -0.79 25.94 -26.32
CA GLU A 94 -0.79 25.94 -26.31
C GLU A 94 -1.40 24.54 -26.42
N ASN A 95 -1.41 23.80 -25.30
CA ASN A 95 -1.95 22.45 -25.35
C ASN A 95 -3.47 22.44 -25.52
N GLY A 96 -4.14 23.52 -25.09
CA GLY A 96 -5.59 23.54 -24.99
C GLY A 96 -6.01 23.07 -23.61
N TYR A 97 -6.81 23.88 -22.91
CA TYR A 97 -7.25 23.48 -21.59
C TYR A 97 -8.11 22.22 -21.68
N GLY A 98 -7.96 21.35 -20.69
CA GLY A 98 -8.68 20.10 -20.65
C GLY A 98 -8.12 19.00 -21.53
N MET A 99 -7.08 19.27 -22.31
CA MET A 99 -6.59 18.33 -23.31
C MET A 99 -5.55 17.36 -22.73
N LEU A 100 -5.43 16.21 -23.38
CA LEU A 100 -4.43 15.21 -23.02
C LEU A 100 -3.03 15.78 -23.26
N THR A 101 -2.09 15.32 -22.45
CA THR A 101 -0.68 15.67 -22.61
C THR A 101 0.08 14.47 -23.16
N GLY A 102 1.36 14.71 -23.47
CA GLY A 102 2.18 13.64 -24.03
C GLY A 102 2.30 12.46 -23.08
N GLN A 103 2.35 12.74 -21.78
CA GLN A 103 2.32 11.68 -20.78
C GLN A 103 1.08 10.82 -20.91
N GLY A 104 -0.10 11.45 -21.06
CA GLY A 104 -1.33 10.68 -21.15
C GLY A 104 -1.39 9.83 -22.40
N ALA A 105 -0.89 10.36 -23.53
CA ALA A 105 -0.82 9.57 -24.75
C ALA A 105 0.08 8.35 -24.56
N GLN A 106 1.25 8.54 -23.94
CA GLN A 106 2.13 7.41 -23.68
C GLN A 106 1.49 6.39 -22.74
N GLN A 107 0.83 6.87 -21.69
CA GLN A 107 0.14 5.98 -20.77
C GLN A 107 -0.84 5.08 -21.49
N HIS A 108 -1.74 5.67 -22.28
CA HIS A 108 -2.77 4.85 -22.89
C HIS A 108 -2.23 4.00 -24.03
N TYR A 109 -1.19 4.45 -24.73
CA TYR A 109 -0.53 3.61 -25.73
C TYR A 109 0.01 2.33 -25.10
N GLY A 110 0.69 2.47 -23.95
CA GLY A 110 1.16 1.28 -23.25
C GLY A 110 0.02 0.40 -22.76
N ILE A 111 -1.06 1.02 -22.26
CA ILE A 111 -2.17 0.24 -21.77
C ILE A 111 -2.80 -0.57 -22.90
N GLY A 112 -2.94 0.02 -24.08
CA GLY A 112 -3.52 -0.70 -25.21
C GLY A 112 -2.62 -1.82 -25.72
N GLU A 113 -1.31 -1.57 -25.77
CA GLU A 113 -0.35 -2.63 -26.07
C GLU A 113 -0.56 -3.82 -25.15
N ARG A 114 -0.50 -3.57 -23.84
CA ARG A 114 -0.61 -4.65 -22.86
C ARG A 114 -2.00 -5.28 -22.86
N ALA A 115 -3.01 -4.53 -23.29
CA ALA A 115 -4.36 -5.08 -23.37
C ALA A 115 -4.45 -6.13 -24.47
N TYR A 116 -3.91 -5.83 -25.65
CA TYR A 116 -3.85 -6.88 -26.67
C TYR A 116 -3.00 -8.05 -26.19
N GLN A 117 -1.85 -7.75 -25.57
CA GLN A 117 -0.91 -8.81 -25.24
C GLN A 117 -1.49 -9.78 -24.21
N ARG A 118 -2.21 -9.27 -23.22
CA ARG A 118 -2.79 -10.16 -22.20
C ARG A 118 -3.82 -11.10 -22.80
N ASN A 119 -4.51 -10.68 -23.85
CA ASN A 119 -5.58 -11.45 -24.44
C ASN A 119 -5.27 -11.77 -25.90
N ARG A 120 -4.03 -12.21 -26.14
CA ARG A 120 -3.59 -12.47 -27.51
C ARG A 120 -4.42 -13.56 -28.16
N SER A 121 -4.72 -14.63 -27.42
CA SER A 121 -5.55 -15.70 -27.94
C SER A 121 -6.93 -15.19 -28.35
N LEU A 122 -7.59 -14.48 -27.45
CA LEU A 122 -8.94 -13.97 -27.72
C LEU A 122 -8.98 -13.14 -28.99
N PHE A 123 -8.04 -12.21 -29.13
CA PHE A 123 -8.08 -11.27 -30.24
C PHE A 123 -7.60 -11.90 -31.55
N ASP A 124 -6.65 -12.83 -31.49
CA ASP A 124 -6.27 -13.55 -32.70
C ASP A 124 -7.44 -14.38 -33.23
N GLN A 125 -8.14 -15.09 -32.34
CA GLN A 125 -9.34 -15.81 -32.79
C GLN A 125 -10.40 -14.85 -33.30
N ALA A 126 -10.55 -13.68 -32.66
CA ALA A 126 -11.54 -12.72 -33.13
C ALA A 126 -11.21 -12.21 -34.53
N ALA A 127 -9.93 -11.94 -34.79
CA ALA A 127 -9.51 -11.63 -36.15
C ALA A 127 -9.82 -12.78 -37.09
N ALA A 128 -9.69 -14.02 -36.60
CA ALA A 128 -9.91 -15.18 -37.45
C ALA A 128 -11.37 -15.33 -37.85
N ASP A 129 -12.31 -15.04 -36.94
CA ASP A 129 -13.73 -15.32 -37.19
C ASP A 129 -14.61 -14.08 -37.14
N GLY A 130 -14.05 -12.91 -37.45
CA GLY A 130 -14.85 -11.70 -37.53
C GLY A 130 -15.44 -11.20 -36.23
N GLY A 131 -14.71 -11.32 -35.13
CA GLY A 131 -15.11 -10.65 -33.90
C GLY A 131 -14.90 -9.16 -34.00
N THR A 132 -15.69 -8.41 -33.23
CA THR A 132 -15.64 -6.95 -33.28
C THR A 132 -15.27 -6.37 -31.91
N ILE A 133 -14.68 -5.18 -31.95
CA ILE A 133 -14.25 -4.46 -30.77
C ILE A 133 -15.00 -3.14 -30.71
N ALA A 134 -15.58 -2.84 -29.54
CA ALA A 134 -16.39 -1.65 -29.34
C ALA A 134 -15.58 -0.62 -28.55
N TYR A 135 -15.41 0.56 -29.13
CA TYR A 135 -14.70 1.66 -28.48
C TYR A 135 -15.72 2.70 -28.04
N GLN A 136 -15.63 3.15 -26.79
CA GLN A 136 -16.61 4.07 -26.26
C GLN A 136 -15.90 5.18 -25.49
N SER A 137 -16.45 6.37 -25.60
CA SER A 137 -15.95 7.54 -24.89
C SER A 137 -17.12 8.28 -24.26
N SER A 138 -16.81 9.06 -23.22
CA SER A 138 -17.77 9.97 -22.62
CA SER A 138 -17.80 9.94 -22.64
C SER A 138 -18.15 11.09 -23.57
N GLY A 139 -17.33 11.38 -24.56
CA GLY A 139 -17.48 12.52 -25.42
C GLY A 139 -16.54 13.65 -25.11
N GLU A 140 -15.97 13.67 -23.90
CA GLU A 140 -14.95 14.65 -23.57
C GLU A 140 -13.69 14.36 -24.36
N ALA A 141 -13.07 15.43 -24.87
CA ALA A 141 -11.94 15.30 -25.80
C ALA A 141 -10.81 14.48 -25.18
N ARG A 142 -10.47 14.73 -23.91
CA ARG A 142 -9.35 14.01 -23.33
C ARG A 142 -9.65 12.51 -23.22
N ALA A 143 -10.91 12.13 -22.98
CA ALA A 143 -11.25 10.72 -22.94
C ALA A 143 -11.10 10.08 -24.32
N THR A 144 -11.66 10.73 -25.34
CA THR A 144 -11.55 10.22 -26.71
C THR A 144 -10.09 10.14 -27.15
N GLU A 145 -9.28 11.13 -26.79
CA GLU A 145 -7.87 11.11 -27.15
C GLU A 145 -7.14 9.97 -26.46
N SER A 146 -7.43 9.73 -25.17
CA SER A 146 -6.89 8.57 -24.48
C SER A 146 -7.24 7.30 -25.24
N GLY A 147 -8.50 7.18 -25.66
CA GLY A 147 -8.89 6.02 -26.43
C GLY A 147 -8.12 5.88 -27.73
N GLU A 148 -7.87 7.01 -28.41
CA GLU A 148 -7.16 6.97 -29.68
C GLU A 148 -5.73 6.45 -29.49
N ASN A 149 -5.08 6.87 -28.40
CA ASN A 149 -3.73 6.37 -28.13
C ASN A 149 -3.75 4.90 -27.72
N PHE A 150 -4.76 4.51 -26.95
CA PHE A 150 -4.98 3.09 -26.64
C PHE A 150 -5.09 2.29 -27.93
N GLU A 151 -5.86 2.79 -28.89
CA GLU A 151 -6.02 2.12 -30.18
C GLU A 151 -4.69 1.98 -30.89
N LYS A 152 -3.89 3.06 -30.90
CA LYS A 152 -2.59 3.01 -31.54
C LYS A 152 -1.70 1.92 -30.92
N GLY A 153 -1.62 1.89 -29.60
CA GLY A 153 -0.81 0.87 -28.95
C GLY A 153 -1.32 -0.54 -29.20
N PHE A 154 -2.65 -0.72 -29.10
CA PHE A 154 -3.27 -2.02 -29.38
C PHE A 154 -2.94 -2.50 -30.78
N ASN A 155 -3.02 -1.61 -31.77
CA ASN A 155 -2.78 -2.02 -33.15
C ASN A 155 -1.29 -2.24 -33.42
N GLU A 156 -0.42 -1.49 -32.75
CA GLU A 156 1.01 -1.76 -32.88
C GLU A 156 1.36 -3.14 -32.32
N ALA A 157 0.84 -3.46 -31.13
CA ALA A 157 1.19 -4.74 -30.50
C ALA A 157 0.63 -5.93 -31.25
N SER A 158 -0.47 -5.75 -31.98
CA SER A 158 -1.09 -6.83 -32.75
C SER A 158 -0.74 -6.76 -34.23
N GLY A 159 0.29 -6.00 -34.59
CA GLY A 159 0.70 -5.86 -35.98
C GLY A 159 -0.41 -5.46 -36.94
N GLY A 160 -1.39 -4.70 -36.45
CA GLY A 160 -2.48 -4.25 -37.30
C GLY A 160 -3.51 -5.29 -37.67
N ARG A 161 -3.45 -6.49 -37.07
CA ARG A 161 -4.31 -7.59 -37.49
C ARG A 161 -5.76 -7.42 -37.07
N LEU A 162 -6.06 -6.44 -36.21
CA LEU A 162 -7.41 -6.21 -35.72
C LEU A 162 -7.97 -4.87 -36.20
N ILE A 163 -7.30 -4.19 -37.12
CA ILE A 163 -7.73 -2.86 -37.54
C ILE A 163 -9.13 -2.91 -38.14
N GLY A 164 -9.42 -3.93 -38.94
CA GLY A 164 -10.73 -4.06 -39.55
C GLY A 164 -11.72 -4.83 -38.71
N ASN A 165 -11.61 -4.73 -37.39
CA ASN A 165 -12.48 -5.46 -36.48
C ASN A 165 -13.12 -4.54 -35.45
N VAL A 166 -13.30 -3.27 -35.79
CA VAL A 166 -13.88 -2.29 -34.88
C VAL A 166 -15.32 -2.02 -35.31
N SER A 167 -16.23 -2.02 -34.33
CA SER A 167 -17.62 -1.69 -34.61
C SER A 167 -17.75 -0.22 -34.97
N ALA A 168 -18.45 0.08 -36.06
CA ALA A 168 -18.69 1.47 -36.44
C ALA A 168 -19.68 2.10 -35.47
N PRO A 169 -19.33 3.22 -34.85
CA PRO A 169 -20.27 3.86 -33.92
C PRO A 169 -21.52 4.37 -34.64
N THR A 170 -22.64 4.35 -33.93
CA THR A 170 -23.82 5.04 -34.40
C THR A 170 -23.83 6.50 -34.01
N ASN A 171 -23.04 6.89 -33.01
CA ASN A 171 -22.93 8.27 -32.56
C ASN A 171 -21.46 8.56 -32.26
N PRO A 172 -20.65 8.80 -33.30
CA PRO A 172 -19.20 8.96 -33.09
C PRO A 172 -18.87 10.25 -32.36
N ALA A 173 -17.75 10.20 -31.63
CA ALA A 173 -17.28 11.38 -30.91
C ALA A 173 -16.90 12.50 -31.88
N ASP A 174 -16.29 12.15 -33.01
CA ASP A 174 -16.07 13.08 -34.11
C ASP A 174 -15.81 12.25 -35.36
N SER A 175 -15.72 12.94 -36.49
CA SER A 175 -15.56 12.28 -37.78
C SER A 175 -14.10 12.15 -38.21
N GLY A 176 -13.15 12.55 -37.37
CA GLY A 176 -11.75 12.44 -37.71
C GLY A 176 -11.02 11.37 -36.92
N ASN A 177 -10.11 11.80 -36.05
CA ASN A 177 -9.33 10.86 -35.27
C ASN A 177 -10.20 10.04 -34.32
N GLY A 178 -11.34 10.58 -33.91
CA GLY A 178 -12.17 9.87 -32.95
C GLY A 178 -13.35 9.14 -33.55
N LYS A 179 -13.26 8.80 -34.85
CA LYS A 179 -14.44 8.27 -35.52
C LYS A 179 -14.82 6.88 -35.03
N ASP A 180 -13.93 6.17 -34.34
CA ASP A 180 -14.22 4.83 -33.86
C ASP A 180 -14.91 4.81 -32.50
N PHE A 181 -15.16 5.96 -31.90
CA PHE A 181 -15.60 6.02 -30.50
C PHE A 181 -17.06 6.39 -30.40
N GLN A 182 -17.87 5.43 -29.94
CA GLN A 182 -19.26 5.68 -29.60
C GLN A 182 -19.36 6.52 -28.33
N LYS A 183 -20.07 7.63 -28.40
CA LYS A 183 -20.34 8.41 -27.21
C LYS A 183 -21.38 7.70 -26.35
N ASN A 184 -21.06 7.50 -25.07
CA ASN A 184 -21.95 6.80 -24.15
C ASN A 184 -21.91 7.48 -22.78
N PRO A 185 -22.44 8.71 -22.68
CA PRO A 185 -22.41 9.41 -21.40
C PRO A 185 -23.31 8.80 -20.33
N ASP A 186 -24.26 7.93 -20.69
CA ASP A 186 -25.08 7.31 -19.66
C ASP A 186 -24.28 6.35 -18.79
N THR A 187 -23.23 5.74 -19.34
CA THR A 187 -22.35 4.88 -18.56
C THR A 187 -20.98 5.49 -18.28
N LEU A 188 -20.61 6.56 -18.98
CA LEU A 188 -19.28 7.16 -18.84
C LEU A 188 -19.33 8.62 -18.40
N TYR A 189 -20.51 9.17 -18.13
CA TYR A 189 -20.66 10.54 -17.65
C TYR A 189 -21.95 10.65 -16.86
N PHE A 190 -22.21 9.68 -15.99
CA PHE A 190 -23.48 9.53 -15.29
C PHE A 190 -23.64 10.49 -14.11
N HIS A 191 -22.62 11.30 -13.81
CA HIS A 191 -22.67 12.17 -12.64
C HIS A 191 -23.24 13.55 -12.92
N LYS A 192 -23.49 13.91 -14.18
CA LYS A 192 -24.01 15.22 -14.53
C LYS A 192 -25.15 15.07 -15.54
N VAL A 193 -26.10 16.00 -15.48
CA VAL A 193 -27.19 16.00 -16.45
C VAL A 193 -26.67 16.40 -17.83
N GLN A 194 -25.77 17.39 -17.88
CA GLN A 194 -25.22 17.82 -19.15
CA GLN A 194 -25.20 17.86 -19.13
C GLN A 194 -24.10 16.90 -19.59
N ASN A 195 -24.11 16.54 -20.87
CA ASN A 195 -23.12 15.68 -21.48
C ASN A 195 -21.97 16.49 -22.06
N PRO A 196 -20.79 15.88 -22.22
CA PRO A 196 -19.64 16.65 -22.75
C PRO A 196 -19.85 17.20 -24.16
N ASP A 197 -20.71 16.60 -24.97
CA ASP A 197 -20.88 17.11 -26.33
C ASP A 197 -21.89 18.25 -26.44
N GLY A 198 -22.42 18.72 -25.32
CA GLY A 198 -23.38 19.81 -25.31
C GLY A 198 -24.82 19.36 -25.14
N THR A 199 -25.14 18.12 -25.47
CA THR A 199 -26.48 17.61 -25.21
C THR A 199 -26.68 17.43 -23.71
N SER A 200 -27.93 17.17 -23.33
CA SER A 200 -28.27 16.92 -21.94
C SER A 200 -29.15 15.68 -21.85
N LYS A 201 -29.03 14.99 -20.72
CA LYS A 201 -29.89 13.84 -20.47
C LYS A 201 -31.34 14.29 -20.36
N VAL A 202 -32.24 13.46 -20.85
CA VAL A 202 -33.65 13.86 -21.04
C VAL A 202 -34.39 13.72 -19.72
N PRO A 203 -35.08 14.77 -19.25
CA PRO A 203 -35.88 14.64 -18.03
C PRO A 203 -36.87 13.49 -18.13
N GLY A 204 -37.05 12.80 -17.01
CA GLY A 204 -37.87 11.60 -16.95
C GLY A 204 -37.13 10.31 -17.18
N THR A 205 -35.96 10.35 -17.83
CA THR A 205 -35.19 9.15 -18.09
C THR A 205 -34.43 8.72 -16.84
N LYS A 206 -34.05 7.44 -16.82
CA LYS A 206 -33.27 6.92 -15.70
C LYS A 206 -31.96 7.68 -15.53
N ALA A 207 -31.28 7.98 -16.63
CA ALA A 207 -30.00 8.67 -16.57
C ALA A 207 -30.14 10.07 -16.00
N TYR A 208 -31.16 10.82 -16.44
CA TYR A 208 -31.41 12.13 -15.87
C TYR A 208 -31.68 12.03 -14.38
N ASP A 209 -32.50 11.05 -13.97
CA ASP A 209 -32.84 10.92 -12.56
C ASP A 209 -31.60 10.64 -11.72
N ILE A 210 -30.75 9.72 -12.19
CA ILE A 210 -29.50 9.41 -11.49
C ILE A 210 -28.68 10.68 -11.29
N ALA A 211 -28.43 11.40 -12.39
CA ALA A 211 -27.56 12.57 -12.32
C ALA A 211 -28.17 13.66 -11.44
N ASN A 212 -29.44 14.00 -11.67
CA ASN A 212 -30.09 15.10 -10.96
C ASN A 212 -30.20 14.81 -9.47
N ASN A 213 -30.67 13.61 -9.12
CA ASN A 213 -30.79 13.25 -7.71
C ASN A 213 -29.44 13.26 -7.03
N TYR A 214 -28.39 12.80 -7.72
CA TYR A 214 -27.05 12.87 -7.15
C TYR A 214 -26.65 14.31 -6.85
N GLN A 215 -26.81 15.19 -7.84
CA GLN A 215 -26.39 16.58 -7.66
C GLN A 215 -27.13 17.24 -6.50
N ASN A 216 -28.45 17.02 -6.42
CA ASN A 216 -29.22 17.61 -5.33
C ASN A 216 -28.79 17.03 -3.98
N PHE A 217 -28.56 15.71 -3.92
CA PHE A 217 -28.12 15.09 -2.68
C PHE A 217 -26.81 15.71 -2.19
N VAL A 218 -25.83 15.82 -3.08
CA VAL A 218 -24.53 16.35 -2.66
C VAL A 218 -24.64 17.82 -2.30
N ALA A 219 -25.41 18.58 -3.07
CA ALA A 219 -25.57 20.00 -2.77
C ALA A 219 -26.18 20.22 -1.40
N ASN A 220 -27.10 19.34 -0.98
CA ASN A 220 -27.92 19.60 0.20
C ASN A 220 -27.55 18.76 1.42
N ASP A 221 -26.52 17.91 1.35
CA ASP A 221 -26.27 16.96 2.43
C ASP A 221 -25.48 17.63 3.56
N ALA A 222 -26.01 17.57 4.77
CA ALA A 222 -25.41 18.28 5.90
C ALA A 222 -24.18 17.58 6.46
N THR A 223 -24.13 16.25 6.40
CA THR A 223 -22.95 15.54 6.88
C THR A 223 -21.74 15.84 6.01
N ILE A 224 -21.90 15.83 4.69
CA ILE A 224 -20.79 16.11 3.79
C ILE A 224 -20.28 17.53 4.01
N ALA A 225 -21.20 18.50 4.04
CA ALA A 225 -20.80 19.89 4.26
C ALA A 225 -20.10 20.06 5.60
N GLY A 226 -20.62 19.40 6.65
CA GLY A 226 -20.01 19.52 7.96
C GLY A 226 -18.63 18.89 8.05
N ALA A 227 -18.45 17.70 7.47
CA ALA A 227 -17.13 17.09 7.48
C ALA A 227 -16.15 17.93 6.70
N GLU A 228 -16.58 18.49 5.57
CA GLU A 228 -15.68 19.31 4.76
C GLU A 228 -15.33 20.61 5.47
N LYS A 229 -16.28 21.20 6.20
CA LYS A 229 -15.98 22.35 7.03
C LYS A 229 -14.93 21.99 8.08
N THR A 230 -15.13 20.84 8.73
CA THR A 230 -14.20 20.41 9.77
C THR A 230 -12.79 20.29 9.23
N ILE A 231 -12.65 19.71 8.05
CA ILE A 231 -11.32 19.51 7.48
C ILE A 231 -10.73 20.84 7.00
N GLY A 232 -11.56 21.70 6.39
CA GLY A 232 -11.09 23.00 5.98
C GLY A 232 -10.69 23.89 7.15
N ASP A 233 -11.36 23.74 8.28
CA ASP A 233 -11.05 24.53 9.48
C ASP A 233 -10.02 23.86 10.38
N ASN A 234 -9.50 22.70 9.99
CA ASN A 234 -8.52 21.99 10.79
C ASN A 234 -7.33 22.91 11.07
N VAL A 235 -6.90 22.93 12.33
CA VAL A 235 -5.86 23.88 12.75
C VAL A 235 -4.59 23.67 11.94
N ASP A 236 -4.17 22.41 11.78
CA ASP A 236 -2.96 22.12 11.04
C ASP A 236 -3.11 22.49 9.56
N VAL A 237 -4.29 22.24 8.98
CA VAL A 237 -4.53 22.61 7.59
C VAL A 237 -4.46 24.12 7.42
N LYS A 238 -5.06 24.87 8.36
CA LYS A 238 -5.02 26.32 8.27
C LYS A 238 -3.60 26.84 8.39
N ARG A 239 -2.82 26.28 9.32
CA ARG A 239 -1.44 26.72 9.47
C ARG A 239 -0.61 26.36 8.24
N ALA A 240 -0.86 25.19 7.66
CA ALA A 240 -0.14 24.81 6.44
C ALA A 240 -0.45 25.76 5.29
N SER A 241 -1.73 26.13 5.14
CA SER A 241 -2.10 27.10 4.11
C SER A 241 -1.38 28.43 4.31
N HIS A 242 -1.42 28.95 5.55
CA HIS A 242 -0.77 30.22 5.84
C HIS A 242 0.74 30.14 5.60
N ASP A 243 1.37 29.07 6.09
CA ASP A 243 2.82 28.94 5.97
C ASP A 243 3.25 28.78 4.52
N LEU A 244 2.53 27.95 3.75
CA LEU A 244 2.82 27.83 2.33
C LEU A 244 2.73 29.19 1.63
N LEU A 245 1.67 29.94 1.90
CA LEU A 245 1.53 31.23 1.24
C LEU A 245 2.55 32.25 1.73
N SER A 246 3.06 32.10 2.95
CA SER A 246 4.01 33.06 3.52
C SER A 246 5.39 33.00 2.87
N GLN A 247 5.65 32.04 1.99
CA GLN A 247 6.88 32.10 1.20
C GLN A 247 6.78 33.09 0.06
N ILE A 248 5.58 33.62 -0.21
CA ILE A 248 5.32 34.47 -1.36
C ILE A 248 4.78 35.83 -0.95
N PHE A 249 3.74 35.85 -0.12
CA PHE A 249 3.03 37.08 0.23
C PHE A 249 3.38 37.53 1.64
N THR A 250 3.14 38.81 1.91
CA THR A 250 3.42 39.39 3.22
C THR A 250 2.31 39.02 4.21
N GLU A 251 2.61 39.22 5.50
CA GLU A 251 1.63 38.91 6.54
C GLU A 251 0.42 39.81 6.45
N GLU A 252 0.60 41.09 6.09
CA GLU A 252 -0.53 42.00 5.99
C GLU A 252 -1.50 41.56 4.92
N PHE A 253 -0.97 41.22 3.74
CA PHE A 253 -1.81 40.75 2.64
C PHE A 253 -2.61 39.52 3.04
N LEU A 254 -1.94 38.54 3.65
CA LEU A 254 -2.60 37.28 3.97
C LEU A 254 -3.60 37.45 5.11
N ALA A 255 -3.29 38.31 6.09
CA ALA A 255 -4.27 38.58 7.14
C ALA A 255 -5.49 39.28 6.57
N LYS A 256 -5.28 40.19 5.61
CA LYS A 256 -6.40 40.84 4.94
C LYS A 256 -7.25 39.82 4.19
N LEU A 257 -6.61 38.87 3.52
CA LEU A 257 -7.36 37.80 2.86
C LEU A 257 -8.18 37.01 3.86
N GLU A 258 -7.57 36.67 5.01
CA GLU A 258 -8.24 35.78 5.95
C GLU A 258 -9.38 36.46 6.69
N ASN A 259 -9.26 37.76 6.97
CA ASN A 259 -10.33 38.49 7.64
CA ASN A 259 -10.36 38.46 7.64
C ASN A 259 -11.43 38.94 6.68
N GLY A 260 -11.28 38.67 5.38
CA GLY A 260 -12.30 38.97 4.40
C GLY A 260 -12.13 40.27 3.64
N GLU A 261 -11.04 41.01 3.87
CA GLU A 261 -10.87 42.28 3.17
C GLU A 261 -10.49 42.08 1.70
N TYR A 262 -9.82 40.99 1.37
CA TYR A 262 -9.57 40.60 0.00
C TYR A 262 -10.43 39.40 -0.36
N LYS A 263 -10.87 39.37 -1.62
CA LYS A 263 -11.48 38.17 -2.19
C LYS A 263 -11.45 38.31 -3.71
N TRP A 264 -11.21 37.20 -4.39
CA TRP A 264 -11.04 37.19 -5.83
C TRP A 264 -11.99 36.17 -6.46
N TYR A 265 -12.78 36.61 -7.42
CA TYR A 265 -13.52 35.71 -8.29
C TYR A 265 -12.77 35.53 -9.59
N ASN A 266 -13.12 34.45 -10.31
CA ASN A 266 -12.48 34.15 -11.59
C ASN A 266 -13.15 35.00 -12.69
N THR A 267 -12.94 36.30 -12.59
CA THR A 267 -13.48 37.29 -13.52
C THR A 267 -12.35 38.21 -13.98
N THR A 268 -12.69 39.13 -14.91
CA THR A 268 -11.66 39.93 -15.57
C THR A 268 -10.86 40.77 -14.58
N ASP A 269 -11.53 41.37 -13.61
CA ASP A 269 -10.86 42.19 -12.59
C ASP A 269 -10.91 41.56 -11.21
N GLY A 270 -11.28 40.28 -11.11
CA GLY A 270 -11.33 39.60 -9.83
C GLY A 270 -12.55 39.90 -8.99
N THR A 271 -13.47 40.73 -9.47
CA THR A 271 -14.66 41.05 -8.70
C THR A 271 -15.80 40.11 -9.08
N LYS A 272 -16.80 40.06 -8.20
CA LYS A 272 -17.92 39.15 -8.41
C LYS A 272 -18.68 39.47 -9.69
N LYS A 273 -18.68 40.73 -10.12
CA LYS A 273 -19.51 41.18 -11.23
C LYS A 273 -18.70 41.44 -12.50
N GLY A 274 -17.46 40.94 -12.56
CA GLY A 274 -16.48 41.35 -13.54
C GLY A 274 -16.52 40.73 -14.92
N GLY A 275 -17.40 39.76 -15.18
CA GLY A 275 -17.52 39.20 -16.50
C GLY A 275 -16.45 38.17 -16.84
N LYS A 276 -16.68 37.49 -17.97
CA LYS A 276 -15.91 36.29 -18.30
C LYS A 276 -14.44 36.60 -18.53
N ASN A 277 -13.59 35.75 -17.96
CA ASN A 277 -12.14 35.91 -17.96
C ASN A 277 -11.53 34.75 -18.74
N CYS A 278 -10.88 35.05 -19.87
CA CYS A 278 -10.24 34.04 -20.71
C CYS A 278 -8.72 34.18 -20.63
N ALA A 279 -8.03 33.04 -20.74
CA ALA A 279 -6.59 33.02 -20.57
C ALA A 279 -5.91 33.80 -21.70
N PRO A 280 -4.92 34.63 -21.38
CA PRO A 280 -4.29 35.46 -22.41
C PRO A 280 -3.64 34.62 -23.50
N GLY A 281 -3.94 34.98 -24.74
CA GLY A 281 -3.45 34.24 -25.90
C GLY A 281 -4.38 33.15 -26.39
N ALA A 282 -5.45 32.83 -25.65
CA ALA A 282 -6.31 31.73 -26.02
C ALA A 282 -7.47 32.21 -26.89
N ASP A 283 -7.89 31.33 -27.80
CA ASP A 283 -9.06 31.55 -28.65
C ASP A 283 -10.26 30.90 -27.96
N ALA A 284 -11.16 31.73 -27.44
CA ALA A 284 -12.29 31.21 -26.67
C ALA A 284 -13.25 30.40 -27.54
N SER A 285 -13.26 30.62 -28.85
CA SER A 285 -14.13 29.84 -29.72
C SER A 285 -13.60 28.42 -29.89
N LYS A 286 -12.28 28.27 -30.02
CA LYS A 286 -11.67 26.96 -30.17
C LYS A 286 -11.39 26.27 -28.84
N ASP A 287 -11.24 27.04 -27.76
CA ASP A 287 -10.88 26.52 -26.44
C ASP A 287 -11.76 27.21 -25.41
N PRO A 288 -13.05 26.87 -25.36
CA PRO A 288 -13.92 27.48 -24.34
C PRO A 288 -13.47 27.20 -22.92
N ASP A 289 -12.77 26.09 -22.71
CA ASP A 289 -12.29 25.78 -21.37
C ASP A 289 -11.24 26.76 -20.90
N ALA A 290 -10.67 27.57 -21.80
CA ALA A 290 -9.71 28.60 -21.41
C ALA A 290 -10.39 29.81 -20.77
N CYS A 291 -11.71 29.83 -20.71
CA CYS A 291 -12.47 30.87 -20.02
C CYS A 291 -13.12 30.21 -18.81
N GLY A 292 -12.80 30.72 -17.63
CA GLY A 292 -13.14 30.00 -16.42
C GLY A 292 -14.55 30.26 -15.95
N GLU A 293 -14.98 29.38 -15.05
CA GLU A 293 -16.26 29.52 -14.39
C GLU A 293 -16.24 30.75 -13.48
N VAL A 294 -17.14 31.69 -13.73
CA VAL A 294 -17.15 32.97 -13.03
C VAL A 294 -17.42 32.83 -11.54
N SER A 295 -18.05 31.73 -11.10
CA SER A 295 -18.40 31.56 -9.69
C SER A 295 -17.24 31.04 -8.82
N LYS A 296 -16.16 30.53 -9.41
CA LYS A 296 -15.04 30.08 -8.59
C LYS A 296 -14.30 31.28 -8.00
N LYS A 297 -13.75 31.09 -6.80
CA LYS A 297 -13.29 32.22 -6.00
C LYS A 297 -12.17 31.79 -5.05
N ILE A 298 -11.37 32.78 -4.64
CA ILE A 298 -10.47 32.65 -3.50
C ILE A 298 -10.99 33.58 -2.41
N LYS A 299 -11.40 33.01 -1.28
CA LYS A 299 -11.86 33.84 -0.17
C LYS A 299 -11.14 33.52 1.14
N SER A 300 -10.14 32.65 1.11
CA SER A 300 -9.43 32.23 2.32
C SER A 300 -8.02 31.84 1.94
N GLU A 301 -7.15 31.78 2.96
CA GLU A 301 -5.81 31.24 2.73
C GLU A 301 -5.88 29.80 2.27
N TYR A 302 -6.86 29.05 2.79
CA TYR A 302 -7.07 27.67 2.37
C TYR A 302 -7.31 27.59 0.87
N ASP A 303 -8.18 28.45 0.34
CA ASP A 303 -8.47 28.42 -1.10
C ASP A 303 -7.22 28.69 -1.92
N ALA A 304 -6.47 29.74 -1.58
CA ALA A 304 -5.29 30.09 -2.34
C ALA A 304 -4.23 28.99 -2.27
N ALA A 305 -4.02 28.45 -1.07
CA ALA A 305 -3.01 27.40 -0.90
C ALA A 305 -3.40 26.15 -1.66
N MET A 306 -4.68 25.78 -1.64
CA MET A 306 -5.11 24.61 -2.40
C MET A 306 -4.98 24.84 -3.90
N ASP A 307 -5.23 26.06 -4.36
CA ASP A 307 -4.99 26.37 -5.77
C ASP A 307 -3.51 26.19 -6.13
N LEU A 308 -2.62 26.77 -5.32
CA LEU A 308 -1.19 26.59 -5.54
C LEU A 308 -0.80 25.11 -5.53
N TYR A 309 -1.34 24.34 -4.60
CA TYR A 309 -1.08 22.90 -4.56
C TYR A 309 -1.57 22.21 -5.81
N ASN A 310 -2.74 22.63 -6.34
CA ASN A 310 -3.26 22.03 -7.56
C ASN A 310 -2.34 22.30 -8.74
N LEU A 311 -1.73 23.48 -8.78
CA LEU A 311 -0.76 23.74 -9.84
C LEU A 311 0.48 22.86 -9.67
N TYR A 312 0.95 22.72 -8.43
CA TYR A 312 2.08 21.84 -8.16
C TYR A 312 1.79 20.42 -8.63
N ILE A 313 0.58 19.92 -8.40
CA ILE A 313 0.29 18.53 -8.75
C ILE A 313 0.01 18.36 -10.24
N ILE A 314 -0.61 19.36 -10.90
CA ILE A 314 -0.85 19.20 -12.32
C ILE A 314 0.46 19.29 -13.10
N ALA A 315 1.46 19.99 -12.55
CA ALA A 315 2.76 20.03 -13.23
C ALA A 315 3.36 18.64 -13.40
N ALA A 316 3.03 17.70 -12.51
CA ALA A 316 3.50 16.33 -12.65
C ALA A 316 2.95 15.63 -13.89
N ASP A 317 1.85 16.14 -14.44
CA ASP A 317 1.22 15.59 -15.64
C ASP A 317 1.56 16.39 -16.89
N MET A 318 2.45 17.37 -16.79
CA MET A 318 2.72 18.27 -17.91
C MET A 318 4.21 18.31 -18.24
N HIS A 319 4.91 17.19 -18.03
CA HIS A 319 6.34 17.13 -18.27
C HIS A 319 6.70 17.58 -19.67
N ASN A 320 6.07 16.99 -20.68
CA ASN A 320 6.44 17.24 -22.06
C ASN A 320 6.06 18.63 -22.53
N GLU A 321 5.13 19.28 -21.82
CA GLU A 321 4.70 20.63 -22.16
C GLU A 321 5.47 21.69 -21.36
N ASN A 322 6.30 21.26 -20.43
CA ASN A 322 7.06 22.17 -19.58
C ASN A 322 8.40 22.46 -20.24
N THR A 323 8.33 23.22 -21.33
CA THR A 323 9.43 23.33 -22.30
C THR A 323 9.60 24.78 -22.72
N GLY A 324 10.65 25.02 -23.52
CA GLY A 324 10.81 26.26 -24.25
C GLY A 324 10.72 27.48 -23.37
N ASP A 325 9.95 28.47 -23.84
CA ASP A 325 9.79 29.73 -23.12
C ASP A 325 8.52 29.77 -22.27
N HIS A 326 7.89 28.62 -22.04
CA HIS A 326 6.81 28.51 -21.05
C HIS A 326 7.12 27.36 -20.11
N THR A 327 8.31 27.39 -19.52
CA THR A 327 8.62 26.48 -18.44
C THR A 327 7.98 26.97 -17.15
N PHE A 328 7.83 26.07 -16.20
CA PHE A 328 7.23 26.43 -14.94
C PHE A 328 7.68 25.45 -13.88
N ALA A 329 7.64 25.90 -12.64
CA ALA A 329 7.97 25.05 -11.51
C ALA A 329 7.21 25.56 -10.30
N PHE A 330 6.62 24.64 -9.55
CA PHE A 330 5.98 24.99 -8.30
C PHE A 330 6.46 24.12 -7.15
N ASP A 331 7.31 23.11 -7.43
CA ASP A 331 7.78 22.26 -6.35
C ASP A 331 8.76 22.99 -5.43
N GLN A 332 9.34 24.11 -5.88
CA GLN A 332 10.19 24.90 -4.99
C GLN A 332 9.40 25.47 -3.82
N TYR A 333 8.08 25.60 -3.94
CA TYR A 333 7.25 26.03 -2.83
C TYR A 333 6.89 24.88 -1.90
N PHE A 334 7.29 23.67 -2.22
CA PHE A 334 6.98 22.52 -1.38
C PHE A 334 8.24 21.80 -0.94
N GLN A 335 9.33 22.51 -0.67
CA GLN A 335 10.58 21.84 -0.31
C GLN A 335 10.73 21.73 1.20
N GLY A 336 11.57 20.79 1.63
CA GLY A 336 11.87 20.60 3.03
C GLY A 336 10.66 20.53 3.94
N ALA A 337 10.58 21.45 4.92
CA ALA A 337 9.43 21.49 5.82
C ALA A 337 8.12 21.71 5.09
N TYR A 338 8.17 22.20 3.85
CA TYR A 338 6.94 22.42 3.10
C TYR A 338 6.46 21.18 2.38
N ALA A 339 7.32 20.16 2.25
CA ALA A 339 6.91 18.91 1.61
C ALA A 339 5.71 18.31 2.32
N ASP A 340 5.78 18.24 3.65
CA ASP A 340 4.66 17.71 4.42
C ASP A 340 3.39 18.52 4.19
N ASP A 341 3.53 19.83 3.93
CA ASP A 341 2.35 20.62 3.62
C ASP A 341 1.58 20.01 2.46
N ALA A 342 2.30 19.58 1.42
CA ALA A 342 1.64 18.93 0.29
C ALA A 342 0.78 17.76 0.77
N ARG A 343 1.33 16.91 1.65
CA ARG A 343 0.57 15.78 2.16
C ARG A 343 -0.76 16.26 2.72
N MET A 344 -0.72 17.32 3.52
CA MET A 344 -1.95 17.79 4.14
C MET A 344 -2.93 18.29 3.10
N PHE A 345 -2.44 19.03 2.09
CA PHE A 345 -3.33 19.44 1.01
C PHE A 345 -3.85 18.22 0.27
N ALA A 346 -3.00 17.21 0.08
CA ALA A 346 -3.45 15.98 -0.54
C ALA A 346 -4.59 15.36 0.24
N TRP A 347 -4.53 15.45 1.57
CA TRP A 347 -5.64 14.95 2.37
C TRP A 347 -6.90 15.77 2.10
N ALA A 348 -6.76 17.09 2.12
CA ALA A 348 -7.95 17.94 1.99
C ALA A 348 -8.64 17.72 0.66
N LEU A 349 -7.87 17.78 -0.43
CA LEU A 349 -8.40 17.45 -1.75
C LEU A 349 -9.02 16.06 -1.74
N ASP A 350 -8.28 15.05 -1.27
CA ASP A 350 -8.82 13.70 -1.24
C ASP A 350 -10.13 13.67 -0.48
N ALA A 351 -10.19 14.42 0.64
CA ALA A 351 -11.40 14.41 1.45
C ALA A 351 -12.59 14.87 0.63
N GLU A 352 -12.43 15.99 -0.09
CA GLU A 352 -13.53 16.51 -0.88
C GLU A 352 -14.02 15.45 -1.85
N ASP A 353 -13.10 14.71 -2.48
CA ASP A 353 -13.54 13.68 -3.41
C ASP A 353 -14.18 12.52 -2.66
N PHE A 354 -13.54 12.08 -1.57
CA PHE A 354 -14.05 10.93 -0.83
C PHE A 354 -15.49 11.13 -0.40
N TYR A 355 -15.79 12.33 0.10
CA TYR A 355 -17.13 12.59 0.62
C TYR A 355 -18.12 12.85 -0.49
N GLU A 356 -17.68 13.37 -1.63
CA GLU A 356 -18.64 13.75 -2.66
C GLU A 356 -18.77 12.72 -3.77
N LYS A 357 -17.74 11.90 -3.99
CA LYS A 357 -17.69 11.02 -5.14
C LYS A 357 -17.36 9.57 -4.82
N GLY A 358 -16.88 9.26 -3.61
CA GLY A 358 -16.49 7.92 -3.28
C GLY A 358 -17.39 7.26 -2.26
N PRO A 359 -16.82 6.41 -1.41
CA PRO A 359 -17.65 5.75 -0.38
C PRO A 359 -18.35 6.74 0.54
N SER A 360 -17.72 7.87 0.84
CA SER A 360 -18.29 8.95 1.68
C SER A 360 -18.65 8.35 3.05
N TYR A 361 -19.73 8.82 3.68
CA TYR A 361 -20.02 8.47 5.06
C TYR A 361 -20.99 7.29 5.14
N ALA A 362 -20.91 6.56 6.25
CA ALA A 362 -21.71 5.36 6.44
C ALA A 362 -23.18 5.69 6.61
N GLY A 363 -24.03 4.79 6.13
CA GLY A 363 -25.47 4.97 6.20
C GLY A 363 -26.10 5.54 4.94
N GLN A 364 -25.31 5.81 3.91
CA GLN A 364 -25.83 6.25 2.63
C GLN A 364 -25.09 5.53 1.51
N ASN A 365 -25.71 5.48 0.33
CA ASN A 365 -25.05 4.96 -0.86
C ASN A 365 -25.28 5.87 -2.07
N GLU A 366 -25.78 7.08 -1.85
CA GLU A 366 -26.09 7.97 -2.97
C GLU A 366 -24.84 8.46 -3.69
N THR A 367 -23.70 8.55 -2.99
CA THR A 367 -22.50 9.06 -3.64
C THR A 367 -21.96 8.10 -4.69
N TYR A 368 -22.18 6.79 -4.52
CA TYR A 368 -21.59 5.81 -5.45
C TYR A 368 -22.60 4.97 -6.21
N SER A 369 -23.88 4.98 -5.84
CA SER A 369 -24.87 4.21 -6.60
C SER A 369 -25.03 4.75 -8.02
N ILE A 370 -24.60 5.99 -8.28
CA ILE A 370 -24.71 6.58 -9.61
C ILE A 370 -23.92 5.78 -10.64
N ALA A 371 -22.93 5.01 -10.21
CA ALA A 371 -22.15 4.19 -11.11
C ALA A 371 -22.91 2.96 -11.60
N GLN A 372 -24.09 2.70 -11.06
CA GLN A 372 -24.81 1.47 -11.40
C GLN A 372 -24.98 1.22 -12.89
N PRO A 373 -25.32 2.21 -13.73
CA PRO A 373 -25.41 1.93 -15.18
C PRO A 373 -24.14 1.29 -15.74
N LEU A 374 -22.98 1.81 -15.35
CA LEU A 374 -21.71 1.26 -15.84
C LEU A 374 -21.56 -0.20 -15.40
N LEU A 375 -21.75 -0.47 -14.11
CA LEU A 375 -21.74 -1.85 -13.66
C LEU A 375 -22.76 -2.67 -14.45
N ASP A 376 -23.96 -2.13 -14.65
CA ASP A 376 -24.95 -2.83 -15.46
C ASP A 376 -24.35 -3.20 -16.81
N ASP A 377 -23.74 -2.22 -17.48
CA ASP A 377 -23.19 -2.53 -18.80
C ASP A 377 -22.06 -3.55 -18.71
N PHE A 378 -21.22 -3.44 -17.66
CA PHE A 378 -20.15 -4.42 -17.50
C PHE A 378 -20.70 -5.83 -17.51
N LEU A 379 -21.89 -6.02 -16.93
CA LEU A 379 -22.47 -7.35 -16.92
C LEU A 379 -23.21 -7.63 -18.22
N ASN A 380 -23.95 -6.64 -18.72
CA ASN A 380 -24.84 -6.91 -19.85
C ASN A 380 -24.03 -7.28 -21.08
N THR A 381 -22.92 -6.58 -21.32
CA THR A 381 -22.10 -6.90 -22.48
C THR A 381 -21.65 -8.34 -22.45
N ILE A 382 -21.29 -8.85 -21.26
CA ILE A 382 -20.89 -10.25 -21.15
C ILE A 382 -22.04 -11.14 -21.60
N ASP A 383 -23.25 -10.86 -21.09
CA ASP A 383 -24.42 -11.62 -21.50
C ASP A 383 -24.55 -11.61 -23.02
N ALA A 384 -24.34 -10.43 -23.64
CA ALA A 384 -24.49 -10.35 -25.09
C ALA A 384 -23.53 -11.29 -25.79
N ARG A 385 -22.31 -11.41 -25.27
CA ARG A 385 -21.34 -12.33 -25.86
C ARG A 385 -21.76 -13.77 -25.65
N VAL A 386 -22.29 -14.09 -24.46
CA VAL A 386 -22.65 -15.47 -24.17
C VAL A 386 -23.79 -15.91 -25.07
N ASN A 387 -24.77 -15.03 -25.30
CA ASN A 387 -25.89 -15.31 -26.18
C ASN A 387 -25.52 -15.36 -27.66
N GLY A 388 -24.25 -15.18 -28.02
CA GLY A 388 -23.81 -15.34 -29.39
C GLY A 388 -23.41 -14.07 -30.11
N GLY A 389 -23.45 -12.91 -29.45
CA GLY A 389 -22.98 -11.69 -30.07
C GLY A 389 -21.51 -11.78 -30.45
N SER A 390 -21.12 -10.91 -31.38
CA SER A 390 -19.78 -10.96 -31.96
C SER A 390 -18.81 -9.96 -31.34
N THR A 391 -19.28 -9.11 -30.44
CA THR A 391 -18.41 -8.14 -29.78
C THR A 391 -17.59 -8.87 -28.72
N VAL A 392 -16.27 -8.94 -28.92
CA VAL A 392 -15.39 -9.65 -28.01
C VAL A 392 -14.75 -8.74 -26.96
N ALA A 393 -14.83 -7.42 -27.15
CA ALA A 393 -14.18 -6.51 -26.22
C ALA A 393 -14.93 -5.18 -26.23
N THR A 394 -15.09 -4.60 -25.05
CA THR A 394 -15.65 -3.25 -24.93
C THR A 394 -14.67 -2.41 -24.13
N PHE A 395 -14.05 -1.42 -24.78
CA PHE A 395 -13.06 -0.55 -24.15
C PHE A 395 -13.65 0.83 -23.97
N ARG A 396 -13.82 1.28 -22.72
CA ARG A 396 -14.45 2.56 -22.44
C ARG A 396 -13.46 3.53 -21.82
N PHE A 397 -13.61 4.81 -22.19
CA PHE A 397 -12.71 5.86 -21.73
C PHE A 397 -13.53 7.00 -21.14
N ALA A 398 -13.20 7.38 -19.91
CA ALA A 398 -14.02 8.28 -19.11
C ALA A 398 -13.18 9.10 -18.13
N HIS A 399 -13.61 9.16 -16.86
CA HIS A 399 -13.15 10.23 -15.98
C HIS A 399 -12.94 9.72 -14.56
N ALA A 400 -12.27 10.54 -13.75
CA ALA A 400 -12.17 10.28 -12.32
C ALA A 400 -13.55 10.26 -11.67
N GLU A 401 -14.45 11.13 -12.15
CA GLU A 401 -15.83 11.13 -11.68
C GLU A 401 -16.57 9.86 -12.05
N THR A 402 -16.05 9.10 -13.02
CA THR A 402 -16.58 7.78 -13.34
C THR A 402 -15.96 6.69 -12.48
N MET A 403 -14.64 6.79 -12.24
CA MET A 403 -13.92 5.73 -11.55
C MET A 403 -14.19 5.73 -10.05
N MET A 404 -14.31 6.92 -9.44
CA MET A 404 -14.48 6.95 -7.98
C MET A 404 -15.76 6.26 -7.54
N PRO A 405 -16.96 6.62 -8.04
CA PRO A 405 -18.15 5.87 -7.63
C PRO A 405 -18.16 4.43 -8.14
N PHE A 406 -17.54 4.16 -9.29
CA PHE A 406 -17.44 2.78 -9.77
C PHE A 406 -16.62 1.93 -8.81
N ALA A 407 -15.46 2.44 -8.38
CA ALA A 407 -14.63 1.73 -7.41
C ALA A 407 -15.37 1.53 -6.09
N ALA A 408 -16.06 2.56 -5.61
CA ALA A 408 -16.78 2.42 -4.34
C ALA A 408 -17.95 1.44 -4.47
N LEU A 409 -18.62 1.42 -5.63
CA LEU A 409 -19.74 0.53 -5.83
C LEU A 409 -19.29 -0.93 -5.88
N LEU A 410 -18.17 -1.19 -6.58
CA LEU A 410 -17.64 -2.55 -6.61
C LEU A 410 -16.97 -2.96 -5.31
N GLY A 411 -16.63 -1.99 -4.45
CA GLY A 411 -15.82 -2.31 -3.30
C GLY A 411 -14.39 -2.68 -3.66
N LEU A 412 -13.81 -1.97 -4.64
CA LEU A 412 -12.43 -2.20 -5.03
C LEU A 412 -11.47 -1.87 -3.89
N PRO A 413 -10.25 -2.43 -3.93
CA PRO A 413 -9.24 -2.07 -2.92
C PRO A 413 -9.01 -0.57 -2.88
N GLY A 414 -9.01 -0.02 -1.67
CA GLY A 414 -8.95 1.40 -1.44
C GLY A 414 -10.32 2.04 -1.23
N SER A 415 -11.37 1.44 -1.79
CA SER A 415 -12.70 2.02 -1.76
C SER A 415 -13.69 1.15 -0.99
N THR A 416 -13.20 0.39 -0.01
CA THR A 416 -14.07 -0.50 0.74
C THR A 416 -14.59 0.10 2.04
N GLN A 417 -14.09 1.26 2.46
CA GLN A 417 -14.25 1.74 3.82
C GLN A 417 -14.95 3.09 3.82
N GLN A 418 -16.18 3.12 4.31
CA GLN A 418 -16.89 4.38 4.48
C GLN A 418 -16.45 5.05 5.78
N ALA A 419 -16.53 6.38 5.80
CA ALA A 419 -16.20 7.13 7.00
C ALA A 419 -17.37 7.12 7.97
N PRO A 420 -17.14 7.44 9.25
CA PRO A 420 -18.24 7.43 10.22
C PRO A 420 -19.31 8.45 9.86
N ALA A 421 -20.53 8.18 10.31
CA ALA A 421 -21.64 9.13 10.17
C ALA A 421 -21.42 10.23 11.21
N SER A 422 -20.56 11.17 10.86
CA SER A 422 -20.09 12.19 11.79
C SER A 422 -19.45 13.32 11.00
N THR A 423 -19.53 14.52 11.55
CA THR A 423 -18.85 15.67 10.98
C THR A 423 -17.59 16.04 11.74
N THR A 424 -17.28 15.34 12.82
CA THR A 424 -16.07 15.54 13.63
C THR A 424 -15.15 14.34 13.62
N ASP A 425 -15.70 13.12 13.67
CA ASP A 425 -14.94 11.89 13.49
C ASP A 425 -14.89 11.59 11.99
N VAL A 426 -13.99 12.27 11.30
CA VAL A 426 -14.04 12.38 9.85
C VAL A 426 -13.01 11.47 9.20
N TYR A 427 -13.12 11.31 7.88
CA TYR A 427 -12.13 10.62 7.07
C TYR A 427 -10.74 11.21 7.24
N THR A 428 -9.77 10.35 7.55
CA THR A 428 -8.37 10.76 7.57
C THR A 428 -7.52 9.70 6.88
N TYR A 429 -6.29 10.09 6.52
CA TYR A 429 -5.33 9.14 5.99
C TYR A 429 -5.01 8.05 7.00
N GLY A 430 -5.10 8.36 8.28
CA GLY A 430 -4.84 7.38 9.32
C GLY A 430 -5.95 6.36 9.49
N ASN A 431 -7.20 6.81 9.44
CA ASN A 431 -8.32 5.92 9.72
C ASN A 431 -8.96 5.32 8.47
N ASN A 432 -8.46 5.64 7.28
CA ASN A 432 -9.14 5.22 6.07
C ASN A 432 -8.12 4.91 4.97
N GLU A 433 -8.42 3.88 4.17
CA GLU A 433 -7.51 3.42 3.14
C GLU A 433 -7.58 4.22 1.85
N TRP A 434 -8.63 5.03 1.67
CA TRP A 434 -8.85 5.72 0.40
C TRP A 434 -7.75 6.74 0.11
N ARG A 435 -7.16 6.64 -1.08
CA ARG A 435 -6.21 7.64 -1.58
C ARG A 435 -6.55 7.93 -3.04
N GLY A 436 -6.58 9.20 -3.40
CA GLY A 436 -6.84 9.55 -4.79
C GLY A 436 -5.77 9.06 -5.74
N GLU A 437 -4.51 9.03 -5.27
CA GLU A 437 -3.39 8.60 -6.11
C GLU A 437 -3.47 7.13 -6.51
N SER A 438 -4.16 6.31 -5.72
CA SER A 438 -4.31 4.90 -6.01
C SER A 438 -5.70 4.51 -6.47
N VAL A 439 -6.74 5.19 -5.98
CA VAL A 439 -8.09 4.89 -6.43
C VAL A 439 -8.30 5.40 -7.85
N THR A 440 -7.87 6.63 -8.15
CA THR A 440 -8.16 7.25 -9.45
C THR A 440 -6.97 8.09 -9.95
N PRO A 441 -5.81 7.47 -10.15
CA PRO A 441 -4.72 8.19 -10.84
C PRO A 441 -5.10 8.46 -12.28
N MET A 442 -4.31 9.30 -12.94
CA MET A 442 -4.45 9.44 -14.37
C MET A 442 -4.33 8.07 -15.03
N ALA A 443 -5.22 7.80 -15.98
CA ALA A 443 -5.31 6.52 -16.70
C ALA A 443 -5.72 5.35 -15.80
N ALA A 444 -6.24 5.61 -14.60
CA ALA A 444 -6.82 4.54 -13.78
C ALA A 444 -7.80 3.72 -14.59
N ASN A 445 -7.71 2.40 -14.48
CA ASN A 445 -8.53 1.53 -15.32
C ASN A 445 -8.89 0.24 -14.59
N VAL A 446 -10.11 -0.23 -14.88
CA VAL A 446 -10.59 -1.55 -14.47
C VAL A 446 -10.77 -2.37 -15.74
N GLN A 447 -10.21 -3.60 -15.74
CA GLN A 447 -10.40 -4.51 -16.85
C GLN A 447 -10.88 -5.87 -16.35
N TRP A 448 -11.83 -6.45 -17.07
CA TRP A 448 -12.34 -7.78 -16.80
C TRP A 448 -11.99 -8.70 -17.96
N ASP A 449 -11.49 -9.90 -17.63
CA ASP A 449 -11.28 -11.00 -18.57
C ASP A 449 -12.32 -12.06 -18.28
N VAL A 450 -12.95 -12.58 -19.33
CA VAL A 450 -14.06 -13.51 -19.21
C VAL A 450 -13.75 -14.75 -20.03
N TYR A 451 -13.62 -15.89 -19.35
CA TYR A 451 -13.39 -17.18 -19.96
C TYR A 451 -14.63 -18.06 -19.79
N ALA A 452 -14.69 -19.14 -20.58
CA ALA A 452 -15.84 -20.03 -20.55
C ALA A 452 -15.43 -21.44 -20.94
N ARG A 453 -16.22 -22.40 -20.46
CA ARG A 453 -16.09 -23.80 -20.85
C ARG A 453 -16.90 -24.08 -22.12
N TYR A 464 -22.18 -24.15 -19.07
CA TYR A 464 -21.39 -23.66 -17.95
C TYR A 464 -21.48 -22.14 -17.83
N THR A 465 -21.48 -21.64 -16.60
CA THR A 465 -21.42 -20.20 -16.40
C THR A 465 -20.00 -19.70 -16.70
N PRO A 466 -19.87 -18.53 -17.33
CA PRO A 466 -18.53 -17.97 -17.55
C PRO A 466 -17.86 -17.59 -16.23
N ILE A 467 -16.55 -17.42 -16.29
CA ILE A 467 -15.77 -16.96 -15.14
C ILE A 467 -15.07 -15.64 -15.50
N VAL A 468 -14.81 -14.84 -14.47
CA VAL A 468 -14.36 -13.46 -14.62
C VAL A 468 -13.16 -13.21 -13.70
N ARG A 469 -12.14 -12.53 -14.23
CA ARG A 469 -10.97 -12.11 -13.48
C ARG A 469 -10.75 -10.62 -13.70
N MET A 470 -10.35 -9.91 -12.64
CA MET A 470 -10.25 -8.44 -12.67
C MET A 470 -8.82 -7.97 -12.45
N LEU A 471 -8.42 -6.99 -13.28
CA LEU A 471 -7.24 -6.16 -13.05
C LEU A 471 -7.68 -4.74 -12.71
N TYR A 472 -7.01 -4.14 -11.73
CA TYR A 472 -7.26 -2.77 -11.31
C TYR A 472 -5.93 -2.03 -11.39
N ASN A 473 -5.85 -1.03 -12.25
CA ASN A 473 -4.58 -0.40 -12.61
C ASN A 473 -3.55 -1.47 -12.98
N GLU A 474 -4.04 -2.50 -13.69
CA GLU A 474 -3.26 -3.64 -14.18
C GLU A 474 -2.58 -4.43 -13.06
N ASN A 475 -3.11 -4.36 -11.85
CA ASN A 475 -2.78 -5.29 -10.78
C ASN A 475 -3.92 -6.29 -10.65
N GLU A 476 -3.61 -7.58 -10.70
CA GLU A 476 -4.66 -8.59 -10.55
C GLU A 476 -5.21 -8.53 -9.13
N VAL A 477 -6.53 -8.36 -9.00
CA VAL A 477 -7.11 -8.21 -7.67
C VAL A 477 -8.29 -9.16 -7.51
N PRO A 478 -8.61 -9.60 -6.30
CA PRO A 478 -9.88 -10.29 -6.08
C PRO A 478 -11.03 -9.29 -6.14
N PHE A 479 -12.24 -9.84 -6.32
CA PHE A 479 -13.43 -9.02 -6.13
C PHE A 479 -13.64 -8.80 -4.64
N ARG A 480 -14.68 -8.04 -4.30
CA ARG A 480 -14.90 -7.68 -2.90
C ARG A 480 -15.07 -8.94 -2.05
N SER A 481 -14.75 -8.80 -0.76
CA SER A 481 -14.61 -9.95 0.13
C SER A 481 -15.87 -10.80 0.18
N GLU A 482 -17.05 -10.19 -0.01
CA GLU A 482 -18.31 -10.93 0.01
C GLU A 482 -18.40 -11.92 -1.13
N CYS A 483 -17.64 -11.75 -2.20
CA CYS A 483 -17.71 -12.63 -3.36
C CYS A 483 -16.87 -13.88 -3.12
N THR A 484 -17.41 -15.02 -3.56
CA THR A 484 -16.73 -16.30 -3.41
C THR A 484 -16.16 -16.71 -4.75
N PRO A 485 -14.86 -16.96 -4.87
CA PRO A 485 -14.27 -17.33 -6.16
C PRO A 485 -14.51 -18.80 -6.49
N VAL A 486 -14.04 -19.21 -7.67
CA VAL A 486 -14.30 -20.58 -8.14
C VAL A 486 -13.56 -21.62 -7.32
N ALA A 487 -12.57 -21.23 -6.53
CA ALA A 487 -11.83 -22.11 -5.66
C ALA A 487 -11.05 -21.26 -4.68
N ASP A 488 -10.54 -21.90 -3.62
CA ASP A 488 -9.79 -21.16 -2.61
C ASP A 488 -8.50 -20.63 -3.20
N GLY A 489 -8.23 -19.33 -2.98
CA GLY A 489 -7.04 -18.69 -3.51
C GLY A 489 -7.15 -18.19 -4.93
N SER A 490 -8.23 -18.50 -5.63
CA SER A 490 -8.40 -18.08 -7.02
C SER A 490 -8.90 -16.65 -7.10
N THR A 491 -8.55 -15.99 -8.21
CA THR A 491 -9.10 -14.68 -8.54
C THR A 491 -10.17 -14.76 -9.62
N TRP A 492 -10.57 -15.96 -10.03
CA TRP A 492 -11.63 -16.14 -11.01
C TRP A 492 -12.95 -16.39 -10.31
N TYR A 493 -14.02 -15.78 -10.84
CA TYR A 493 -15.34 -15.78 -10.21
C TYR A 493 -16.41 -16.11 -11.24
N LYS A 494 -17.37 -16.95 -10.82
CA LYS A 494 -18.51 -17.25 -11.68
C LYS A 494 -19.34 -15.99 -11.94
N LEU A 495 -19.80 -15.84 -13.20
CA LEU A 495 -20.64 -14.71 -13.55
C LEU A 495 -21.90 -14.66 -12.70
N THR A 496 -22.49 -15.82 -12.42
CA THR A 496 -23.64 -15.88 -11.52
C THR A 496 -23.28 -15.35 -10.15
N GLU A 497 -22.11 -15.74 -9.65
CA GLU A 497 -21.64 -15.24 -8.36
C GLU A 497 -21.49 -13.74 -8.36
N LEU A 498 -20.95 -13.16 -9.43
CA LEU A 498 -20.79 -11.72 -9.48
C LEU A 498 -22.14 -11.01 -9.54
N LYS A 499 -23.08 -11.53 -10.34
CA LYS A 499 -24.41 -10.95 -10.38
C LYS A 499 -25.06 -10.97 -9.00
N SER A 500 -24.74 -11.97 -8.19
CA SER A 500 -25.31 -12.02 -6.85
C SER A 500 -24.58 -11.08 -5.88
N CYS A 501 -23.25 -11.20 -5.80
CA CYS A 501 -22.47 -10.58 -4.73
C CYS A 501 -22.12 -9.12 -4.99
N LEU A 502 -22.29 -8.64 -6.23
CA LEU A 502 -22.11 -7.23 -6.51
C LEU A 502 -23.42 -6.45 -6.41
N ALA A 503 -24.53 -7.13 -6.18
CA ALA A 503 -25.81 -6.47 -5.93
C ALA A 503 -25.83 -5.89 -4.50
N ALA A 504 -26.84 -5.06 -4.24
CA ALA A 504 -26.86 -4.23 -3.02
C ALA A 504 -26.67 -5.05 -1.75
N ASP A 505 -27.33 -6.20 -1.65
CA ASP A 505 -27.21 -7.00 -0.44
C ASP A 505 -25.94 -7.85 -0.40
N HIS A 506 -25.15 -7.87 -1.48
CA HIS A 506 -23.85 -8.54 -1.52
C HIS A 506 -23.94 -9.99 -1.03
N LYS A 507 -24.96 -10.70 -1.50
CA LYS A 507 -25.14 -12.10 -1.14
C LYS A 507 -24.26 -12.97 -2.01
N THR A 508 -23.57 -13.92 -1.38
CA THR A 508 -22.80 -14.91 -2.13
C THR A 508 -23.66 -16.14 -2.40
N LEU A 509 -23.35 -16.81 -3.51
CA LEU A 509 -23.97 -18.10 -3.79
C LEU A 509 -23.32 -19.23 -3.01
N GLY A 510 -22.30 -18.94 -2.21
CA GLY A 510 -21.72 -19.95 -1.33
C GLY A 510 -21.01 -21.03 -2.12
N GLN A 511 -21.26 -22.28 -1.73
CA GLN A 511 -20.63 -23.41 -2.40
C GLN A 511 -20.99 -23.47 -3.88
N ASP A 512 -22.14 -22.92 -4.27
CA ASP A 512 -22.52 -22.90 -5.67
C ASP A 512 -21.63 -21.99 -6.51
N ALA A 513 -20.81 -21.14 -5.89
CA ALA A 513 -19.86 -20.35 -6.64
C ALA A 513 -18.61 -21.12 -7.01
N ARG A 514 -18.36 -22.27 -6.38
CA ARG A 514 -17.22 -23.11 -6.71
C ARG A 514 -17.47 -23.87 -8.00
N ILE A 515 -16.37 -24.24 -8.67
CA ILE A 515 -16.47 -25.09 -9.85
C ILE A 515 -16.17 -26.53 -9.46
N GLY B 7 -6.58 -4.86 2.43
CA GLY B 7 -6.89 -6.26 2.53
C GLY B 7 -6.31 -6.96 3.76
N ARG B 8 -7.20 -7.64 4.49
CA ARG B 8 -6.87 -8.59 5.54
C ARG B 8 -6.15 -8.03 6.77
N TYR B 9 -5.24 -7.07 6.59
CA TYR B 9 -4.53 -6.43 7.71
C TYR B 9 -3.92 -7.46 8.68
N TYR B 10 -2.98 -8.24 8.16
CA TYR B 10 -2.31 -9.21 9.01
C TYR B 10 -1.11 -8.65 9.76
N SER B 11 -0.63 -7.47 9.38
CA SER B 11 0.44 -6.75 10.11
C SER B 11 1.67 -7.66 10.15
N SER B 12 2.42 -7.67 11.26
CA SER B 12 3.64 -8.49 11.36
C SER B 12 3.35 -9.99 11.40
N LYS B 13 2.10 -10.42 11.32
CA LYS B 13 1.79 -11.84 11.18
C LYS B 13 1.50 -12.20 9.73
N GLN B 14 1.77 -11.28 8.81
CA GLN B 14 1.62 -11.52 7.39
C GLN B 14 2.44 -12.73 6.95
N PRO B 15 1.83 -13.75 6.38
CA PRO B 15 2.62 -14.85 5.79
C PRO B 15 3.49 -14.32 4.65
N TYR B 16 4.66 -14.94 4.50
CA TYR B 16 5.60 -14.48 3.48
C TYR B 16 4.99 -14.59 2.10
N VAL B 17 5.26 -13.59 1.27
CA VAL B 17 4.81 -13.56 -0.11
C VAL B 17 6.04 -13.80 -0.98
N ALA B 18 6.13 -14.99 -1.56
CA ALA B 18 7.28 -15.32 -2.39
C ALA B 18 7.23 -14.55 -3.70
N PRO B 19 8.40 -14.21 -4.25
CA PRO B 19 8.41 -13.55 -5.56
C PRO B 19 7.99 -14.52 -6.65
N ASN B 20 7.37 -13.99 -7.69
CA ASN B 20 7.04 -14.85 -8.82
C ASN B 20 8.30 -15.15 -9.63
N ASP B 21 8.17 -16.10 -10.55
CA ASP B 21 9.35 -16.55 -11.31
C ASP B 21 9.96 -15.41 -12.10
N ALA B 22 9.13 -14.53 -12.67
CA ALA B 22 9.65 -13.40 -13.44
C ALA B 22 10.48 -12.48 -12.54
N THR B 23 9.98 -12.16 -11.35
CA THR B 23 10.74 -11.35 -10.41
C THR B 23 12.07 -12.01 -10.08
N ALA B 24 12.04 -13.32 -9.78
CA ALA B 24 13.24 -14.02 -9.33
C ALA B 24 14.29 -14.16 -10.42
N SER B 25 13.91 -14.03 -11.69
CA SER B 25 14.85 -14.16 -12.79
C SER B 25 15.17 -12.82 -13.45
N SER B 26 14.75 -11.70 -12.85
CA SER B 26 14.95 -10.38 -13.45
C SER B 26 15.77 -9.47 -12.55
N TYR B 27 16.47 -10.01 -11.55
CA TYR B 27 17.35 -9.18 -10.74
C TYR B 27 18.44 -8.59 -11.62
N SER B 28 18.84 -7.36 -11.31
CA SER B 28 19.75 -6.63 -12.18
C SER B 28 21.11 -7.33 -12.24
N LYS B 29 21.83 -7.07 -13.32
CA LYS B 29 23.14 -7.65 -13.54
C LYS B 29 24.21 -6.68 -13.06
N ALA B 30 25.24 -7.22 -12.42
CA ALA B 30 26.36 -6.40 -12.00
C ALA B 30 27.09 -5.85 -13.22
N PRO B 31 27.70 -4.66 -13.10
CA PRO B 31 28.42 -4.07 -14.24
C PRO B 31 29.51 -4.98 -14.82
N LYS B 32 29.91 -4.70 -16.06
CA LYS B 32 30.88 -5.54 -16.75
C LYS B 32 32.17 -5.66 -15.95
N GLY B 33 32.70 -6.89 -15.89
CA GLY B 33 33.96 -7.15 -15.24
C GLY B 33 33.87 -7.51 -13.78
N TYR B 34 32.70 -7.38 -13.16
CA TYR B 34 32.52 -7.74 -11.75
C TYR B 34 31.90 -9.13 -11.67
N GLY B 35 32.54 -10.01 -10.89
CA GLY B 35 32.05 -11.34 -10.68
C GLY B 35 31.72 -11.60 -9.22
N PRO B 36 30.86 -12.59 -8.95
CA PRO B 36 30.39 -12.81 -7.59
C PRO B 36 31.49 -13.37 -6.69
N ILE B 37 31.60 -12.79 -5.49
CA ILE B 37 32.53 -13.30 -4.49
C ILE B 37 31.86 -13.66 -3.17
N TYR B 38 30.65 -13.18 -2.89
CA TYR B 38 30.07 -13.43 -1.57
C TYR B 38 28.57 -13.15 -1.61
N THR B 39 27.85 -13.75 -0.66
CA THR B 39 26.45 -13.41 -0.44
C THR B 39 26.11 -13.70 1.00
N GLU B 40 25.14 -12.96 1.54
CA GLU B 40 24.75 -13.19 2.92
C GLU B 40 23.31 -12.75 3.14
N SER B 41 22.77 -13.15 4.29
CA SER B 41 21.38 -12.88 4.58
C SER B 41 21.18 -12.71 6.08
N MET B 42 20.02 -12.16 6.42
CA MET B 42 19.40 -12.37 7.72
C MET B 42 17.90 -12.45 7.47
N ALA B 43 17.30 -13.52 7.92
CA ALA B 43 15.89 -13.79 7.71
C ALA B 43 15.20 -13.99 9.05
N ARG B 44 13.99 -13.47 9.17
CA ARG B 44 13.13 -13.85 10.27
C ARG B 44 12.66 -15.29 10.06
N HIS B 45 12.40 -15.98 11.16
CA HIS B 45 11.75 -17.29 11.10
C HIS B 45 10.48 -17.22 10.25
N GLY B 46 10.07 -18.35 9.69
CA GLY B 46 8.84 -18.41 8.94
C GLY B 46 7.61 -18.40 9.84
N SER B 47 6.45 -18.56 9.19
CA SER B 47 5.18 -18.61 9.90
C SER B 47 5.27 -19.53 11.12
N ARG B 48 4.75 -19.05 12.24
CA ARG B 48 4.76 -19.76 13.51
C ARG B 48 3.36 -19.75 14.10
N GLY B 49 3.17 -20.55 15.15
CA GLY B 49 1.98 -20.45 15.98
C GLY B 49 2.09 -19.29 16.94
N LEU B 50 1.18 -19.26 17.90
CA LEU B 50 1.31 -18.28 18.98
C LEU B 50 2.63 -18.48 19.70
N SER B 51 3.28 -17.37 20.06
CA SER B 51 4.58 -17.48 20.73
C SER B 51 4.44 -17.93 22.19
N SER B 52 3.31 -17.66 22.81
CA SER B 52 3.08 -18.14 24.17
C SER B 52 1.58 -18.20 24.42
N TYR B 53 1.21 -18.89 25.49
CA TYR B 53 -0.18 -18.96 25.97
C TYR B 53 -0.54 -17.60 26.54
N LYS B 54 -1.02 -16.69 25.69
CA LYS B 54 -1.23 -15.31 26.11
C LYS B 54 -2.54 -14.74 25.57
N TYR B 55 -2.61 -14.47 24.25
CA TYR B 55 -3.84 -13.93 23.68
C TYR B 55 -5.00 -14.92 23.86
N ASP B 56 -4.76 -16.19 23.56
CA ASP B 56 -5.81 -17.19 23.72
C ASP B 56 -6.15 -17.42 25.19
N ALA B 57 -5.15 -17.35 26.07
CA ALA B 57 -5.40 -17.56 27.49
C ALA B 57 -6.29 -16.45 28.06
N LEU B 58 -5.92 -15.19 27.79
CA LEU B 58 -6.68 -14.06 28.31
C LEU B 58 -8.10 -14.08 27.76
N LEU B 59 -8.25 -14.36 26.47
CA LEU B 59 -9.60 -14.42 25.94
C LEU B 59 -10.40 -15.57 26.56
N MET B 60 -9.74 -16.67 26.94
CA MET B 60 -10.48 -17.75 27.57
C MET B 60 -10.90 -17.38 29.00
N ARG B 61 -10.06 -16.65 29.72
CA ARG B 61 -10.48 -16.15 31.04
C ARG B 61 -11.69 -15.24 30.92
N MET B 62 -11.63 -14.30 29.96
CA MET B 62 -12.77 -13.44 29.68
C MET B 62 -14.01 -14.25 29.33
N ALA B 63 -13.84 -15.31 28.53
CA ALA B 63 -14.97 -16.13 28.13
C ALA B 63 -15.60 -16.84 29.32
N GLU B 64 -14.77 -17.37 30.21
CA GLU B 64 -15.29 -18.02 31.41
C GLU B 64 -16.10 -17.04 32.23
N THR B 65 -15.60 -15.82 32.42
CA THR B 65 -16.37 -14.82 33.15
C THR B 65 -17.69 -14.51 32.46
N ALA B 66 -17.66 -14.33 31.13
CA ALA B 66 -18.87 -13.95 30.41
C ALA B 66 -19.90 -15.07 30.46
N ALA B 67 -19.46 -16.33 30.42
CA ALA B 67 -20.38 -17.44 30.59
C ALA B 67 -20.95 -17.46 32.01
N ARG B 68 -20.13 -17.09 32.99
CA ARG B 68 -20.60 -17.00 34.37
C ARG B 68 -21.66 -15.92 34.55
N ASP B 69 -21.55 -14.81 33.83
CA ASP B 69 -22.38 -13.63 34.08
C ASP B 69 -23.38 -13.35 32.97
N GLY B 70 -23.63 -14.32 32.09
CA GLY B 70 -24.52 -14.06 30.96
C GLY B 70 -24.07 -12.94 30.07
N GLY B 71 -22.75 -12.84 29.85
CA GLY B 71 -22.17 -11.81 29.02
C GLY B 71 -22.10 -12.10 27.55
N PHE B 72 -22.51 -13.29 27.12
CA PHE B 72 -22.57 -13.61 25.70
C PHE B 72 -23.98 -13.35 25.18
N LYS B 73 -24.05 -12.93 23.91
CA LYS B 73 -25.32 -12.50 23.34
C LYS B 73 -26.26 -13.65 23.02
N SER B 74 -25.75 -14.88 22.95
CA SER B 74 -26.59 -16.06 22.78
C SER B 74 -25.76 -17.29 23.10
N GLU B 75 -26.45 -18.41 23.33
CA GLU B 75 -25.76 -19.66 23.61
C GLU B 75 -24.93 -20.11 22.41
N ALA B 76 -25.43 -19.87 21.20
CA ALA B 76 -24.70 -20.28 20.00
C ALA B 76 -23.42 -19.46 19.83
N ILE B 77 -23.52 -18.14 20.05
CA ILE B 77 -22.34 -17.28 19.94
C ILE B 77 -21.30 -17.68 21.00
N LYS B 78 -21.76 -18.00 22.20
CA LYS B 78 -20.84 -18.44 23.26
C LYS B 78 -20.15 -19.74 22.87
N ALA B 79 -20.93 -20.72 22.41
CA ALA B 79 -20.35 -22.00 22.00
C ALA B 79 -19.33 -21.78 20.88
N GLU B 80 -19.67 -20.94 19.91
CA GLU B 80 -18.76 -20.62 18.80
C GLU B 80 -17.45 -20.04 19.32
N PHE B 81 -17.53 -19.01 20.18
CA PHE B 81 -16.33 -18.34 20.66
C PHE B 81 -15.44 -19.30 21.46
N VAL B 82 -16.04 -20.07 22.37
N VAL B 82 -16.05 -20.06 22.37
CA VAL B 82 -15.22 -20.95 23.19
CA VAL B 82 -15.28 -20.99 23.21
C VAL B 82 -14.67 -22.11 22.36
C VAL B 82 -14.67 -22.09 22.35
N LYS B 83 -15.41 -22.57 21.35
CA LYS B 83 -14.88 -23.61 20.47
C LYS B 83 -13.66 -23.12 19.72
N ASN B 84 -13.71 -21.88 19.22
CA ASN B 84 -12.57 -21.34 18.49
C ASN B 84 -11.37 -21.17 19.41
N LEU B 85 -11.60 -20.63 20.61
CA LEU B 85 -10.48 -20.45 21.54
C LEU B 85 -9.82 -21.79 21.86
N SER B 86 -10.63 -22.78 22.27
CA SER B 86 -10.04 -24.07 22.61
C SER B 86 -9.39 -24.74 21.40
N GLY B 87 -9.93 -24.52 20.20
CA GLY B 87 -9.32 -25.12 19.02
C GLY B 87 -7.95 -24.54 18.71
N ILE B 88 -7.82 -23.22 18.72
CA ILE B 88 -6.52 -22.64 18.42
C ILE B 88 -5.52 -22.95 19.54
N THR B 89 -6.00 -23.01 20.79
CA THR B 89 -5.13 -23.39 21.90
C THR B 89 -4.65 -24.84 21.77
N ALA B 90 -5.55 -25.76 21.43
CA ALA B 90 -5.14 -27.15 21.25
C ALA B 90 -4.19 -27.30 20.06
N ALA B 91 -4.41 -26.53 18.99
CA ALA B 91 -3.51 -26.60 17.84
C ALA B 91 -2.11 -26.16 18.24
N ASN B 92 -2.01 -25.09 19.04
CA ASN B 92 -0.71 -24.63 19.51
C ASN B 92 -0.09 -25.61 20.51
N VAL B 93 -0.91 -26.27 21.33
CA VAL B 93 -0.39 -27.28 22.24
C VAL B 93 0.26 -28.41 21.45
N GLU B 94 -0.44 -28.90 20.42
CA GLU B 94 0.12 -29.99 19.62
C GLU B 94 1.38 -29.55 18.89
N ASN B 95 1.33 -28.37 18.27
CA ASN B 95 2.51 -27.89 17.54
C ASN B 95 3.62 -27.46 18.47
N GLY B 96 3.29 -27.08 19.70
CA GLY B 96 4.25 -26.43 20.58
C GLY B 96 4.18 -24.93 20.39
N TYR B 97 3.94 -24.19 21.48
CA TYR B 97 3.91 -22.74 21.37
C TYR B 97 5.25 -22.22 20.90
N GLY B 98 5.22 -21.20 20.04
CA GLY B 98 6.42 -20.60 19.50
C GLY B 98 7.09 -21.37 18.38
N MET B 99 6.57 -22.53 18.00
N MET B 99 6.55 -22.52 17.98
CA MET B 99 7.22 -23.38 17.00
CA MET B 99 7.20 -23.37 17.00
C MET B 99 6.78 -23.00 15.59
C MET B 99 6.77 -23.00 15.58
N LEU B 100 7.62 -23.38 14.62
CA LEU B 100 7.33 -23.16 13.22
C LEU B 100 6.16 -24.03 12.76
N THR B 101 5.37 -23.48 11.84
CA THR B 101 4.25 -24.21 11.23
C THR B 101 4.68 -24.79 9.88
N GLY B 102 3.76 -25.54 9.25
CA GLY B 102 4.04 -26.06 7.92
C GLY B 102 4.29 -24.94 6.92
N GLN B 103 3.50 -23.87 7.02
CA GLN B 103 3.71 -22.69 6.19
C GLN B 103 5.14 -22.15 6.33
N GLY B 104 5.64 -22.05 7.58
CA GLY B 104 6.98 -21.51 7.77
C GLY B 104 8.05 -22.37 7.14
N ALA B 105 7.90 -23.69 7.25
CA ALA B 105 8.85 -24.59 6.62
C ALA B 105 8.84 -24.41 5.10
N GLN B 106 7.64 -24.32 4.51
CA GLN B 106 7.54 -24.11 3.06
C GLN B 106 8.19 -22.79 2.64
N GLN B 107 7.93 -21.73 3.41
CA GLN B 107 8.48 -20.42 3.10
C GLN B 107 10.00 -20.49 3.04
N HIS B 108 10.63 -21.07 4.07
CA HIS B 108 12.09 -21.05 4.06
C HIS B 108 12.69 -22.05 3.08
N TYR B 109 11.99 -23.15 2.78
CA TYR B 109 12.47 -24.05 1.73
C TYR B 109 12.56 -23.32 0.40
N GLY B 110 11.53 -22.54 0.07
CA GLY B 110 11.57 -21.74 -1.15
C GLY B 110 12.65 -20.68 -1.13
N ILE B 111 12.81 -19.98 -0.01
CA ILE B 111 13.86 -18.95 0.05
C ILE B 111 15.24 -19.59 -0.16
N GLY B 112 15.44 -20.80 0.38
CA GLY B 112 16.73 -21.46 0.22
C GLY B 112 17.00 -21.90 -1.22
N GLU B 113 15.98 -22.50 -1.85
CA GLU B 113 16.08 -22.83 -3.27
C GLU B 113 16.52 -21.61 -4.08
N ARG B 114 15.82 -20.50 -3.89
CA ARG B 114 16.10 -19.32 -4.71
C ARG B 114 17.41 -18.64 -4.32
N ALA B 115 17.87 -18.81 -3.08
CA ALA B 115 19.19 -18.30 -2.73
C ALA B 115 20.28 -19.05 -3.48
N TYR B 116 20.15 -20.38 -3.59
CA TYR B 116 21.12 -21.08 -4.44
C TYR B 116 21.01 -20.61 -5.88
N GLN B 117 19.78 -20.58 -6.41
CA GLN B 117 19.60 -20.29 -7.83
C GLN B 117 20.06 -18.88 -8.21
N ARG B 118 19.91 -17.89 -7.33
CA ARG B 118 20.35 -16.54 -7.68
C ARG B 118 21.86 -16.45 -7.79
N ASN B 119 22.59 -17.24 -7.01
CA ASN B 119 24.04 -17.21 -7.00
C ASN B 119 24.62 -18.53 -7.46
N ARG B 120 24.05 -19.07 -8.54
CA ARG B 120 24.45 -20.37 -9.05
C ARG B 120 25.95 -20.41 -9.37
N SER B 121 26.48 -19.34 -9.95
N SER B 121 26.48 -19.34 -9.96
CA SER B 121 27.89 -19.30 -10.32
CA SER B 121 27.89 -19.31 -10.32
C SER B 121 28.77 -19.32 -9.09
C SER B 121 28.77 -19.32 -9.08
N LEU B 122 28.48 -18.45 -8.11
CA LEU B 122 29.24 -18.40 -6.87
C LEU B 122 29.28 -19.76 -6.19
N PHE B 123 28.13 -20.43 -6.10
CA PHE B 123 28.08 -21.68 -5.34
C PHE B 123 28.60 -22.87 -6.13
N ASP B 124 28.47 -22.86 -7.46
CA ASP B 124 29.11 -23.91 -8.24
C ASP B 124 30.63 -23.81 -8.15
N GLN B 125 31.17 -22.60 -8.26
CA GLN B 125 32.60 -22.43 -8.03
C GLN B 125 32.98 -22.85 -6.61
N ALA B 126 32.14 -22.51 -5.63
CA ALA B 126 32.46 -22.89 -4.25
C ALA B 126 32.45 -24.41 -4.08
N ALA B 127 31.51 -25.10 -4.73
CA ALA B 127 31.46 -26.55 -4.66
C ALA B 127 32.68 -27.17 -5.29
N ALA B 128 33.28 -26.50 -6.27
CA ALA B 128 34.49 -27.04 -6.86
C ALA B 128 35.78 -26.67 -6.12
N ASP B 129 35.78 -25.54 -5.41
N ASP B 129 35.81 -25.53 -5.43
CA ASP B 129 37.01 -24.93 -4.92
CA ASP B 129 37.08 -25.01 -4.92
C ASP B 129 37.08 -24.87 -3.40
C ASP B 129 37.16 -24.96 -3.39
N GLY B 130 36.30 -25.69 -2.69
CA GLY B 130 36.37 -25.71 -1.24
C GLY B 130 35.82 -24.49 -0.54
N GLY B 131 34.89 -23.76 -1.15
CA GLY B 131 34.23 -22.68 -0.47
C GLY B 131 33.26 -23.21 0.57
N THR B 132 33.09 -22.45 1.67
CA THR B 132 32.26 -22.91 2.77
C THR B 132 31.07 -21.98 3.00
N ILE B 133 30.04 -22.54 3.62
CA ILE B 133 28.82 -21.80 3.95
C ILE B 133 28.63 -21.85 5.45
N ALA B 134 28.36 -20.68 6.05
CA ALA B 134 28.09 -20.58 7.47
C ALA B 134 26.59 -20.39 7.70
N TYR B 135 26.02 -21.22 8.56
CA TYR B 135 24.64 -21.09 9.00
C TYR B 135 24.62 -20.62 10.46
N GLN B 136 23.75 -19.67 10.76
CA GLN B 136 23.67 -19.11 12.10
C GLN B 136 22.21 -18.96 12.52
N SER B 137 21.96 -19.13 13.81
CA SER B 137 20.64 -18.96 14.38
C SER B 137 20.75 -18.22 15.69
N SER B 138 19.68 -17.54 16.07
CA SER B 138 19.61 -16.94 17.39
C SER B 138 19.64 -17.99 18.49
N GLY B 139 19.34 -19.24 18.16
CA GLY B 139 19.15 -20.28 19.15
C GLY B 139 17.71 -20.61 19.44
N GLU B 140 16.79 -19.73 19.06
CA GLU B 140 15.38 -20.01 19.24
C GLU B 140 14.91 -21.06 18.26
N ALA B 141 14.10 -22.00 18.75
CA ALA B 141 13.71 -23.16 17.96
C ALA B 141 13.11 -22.76 16.61
N ARG B 142 12.24 -21.75 16.58
CA ARG B 142 11.59 -21.40 15.31
C ARG B 142 12.60 -20.86 14.31
N ALA B 143 13.62 -20.13 14.77
CA ALA B 143 14.66 -19.65 13.87
C ALA B 143 15.51 -20.80 13.34
N THR B 144 15.95 -21.71 14.22
CA THR B 144 16.74 -22.85 13.79
C THR B 144 15.95 -23.74 12.81
N GLU B 145 14.67 -23.95 13.08
CA GLU B 145 13.83 -24.75 12.20
C GLU B 145 13.66 -24.10 10.84
N SER B 146 13.45 -22.77 10.81
CA SER B 146 13.43 -22.05 9.56
C SER B 146 14.73 -22.28 8.80
N GLY B 147 15.85 -22.11 9.48
CA GLY B 147 17.14 -22.35 8.85
C GLY B 147 17.27 -23.76 8.31
N GLU B 148 16.77 -24.74 9.04
CA GLU B 148 16.87 -26.13 8.59
C GLU B 148 16.11 -26.34 7.31
N ASN B 149 14.94 -25.71 7.19
CA ASN B 149 14.16 -25.85 5.96
C ASN B 149 14.80 -25.07 4.81
N PHE B 150 15.38 -23.90 5.10
CA PHE B 150 16.19 -23.18 4.12
C PHE B 150 17.31 -24.05 3.59
N GLU B 151 18.01 -24.72 4.50
CA GLU B 151 19.13 -25.58 4.12
C GLU B 151 18.65 -26.75 3.27
N LYS B 152 17.48 -27.31 3.60
CA LYS B 152 16.91 -28.37 2.78
C LYS B 152 16.63 -27.88 1.36
N GLY B 153 16.02 -26.70 1.24
CA GLY B 153 15.71 -26.18 -0.08
C GLY B 153 16.95 -25.79 -0.87
N PHE B 154 17.93 -25.21 -0.19
CA PHE B 154 19.21 -24.88 -0.83
C PHE B 154 19.88 -26.13 -1.37
N ASN B 155 19.93 -27.20 -0.56
CA ASN B 155 20.60 -28.42 -1.01
C ASN B 155 19.82 -29.10 -2.12
N GLU B 156 18.49 -29.08 -2.06
CA GLU B 156 17.71 -29.67 -3.15
C GLU B 156 17.94 -28.91 -4.46
N ALA B 157 17.90 -27.57 -4.41
CA ALA B 157 18.06 -26.80 -5.64
C ALA B 157 19.43 -27.00 -6.25
N SER B 158 20.43 -27.35 -5.44
CA SER B 158 21.80 -27.53 -5.88
C SER B 158 22.18 -28.99 -6.02
N GLY B 159 21.21 -29.90 -5.99
CA GLY B 159 21.50 -31.32 -6.15
C GLY B 159 22.43 -31.89 -5.10
N GLY B 160 22.46 -31.29 -3.90
CA GLY B 160 23.30 -31.77 -2.84
C GLY B 160 24.78 -31.52 -3.01
N ARG B 161 25.17 -30.72 -4.01
CA ARG B 161 26.58 -30.58 -4.32
C ARG B 161 27.33 -29.67 -3.35
N LEU B 162 26.63 -28.99 -2.44
CA LEU B 162 27.27 -28.17 -1.41
C LEU B 162 27.18 -28.78 -0.03
N ILE B 163 26.68 -30.02 0.09
CA ILE B 163 26.44 -30.61 1.40
C ILE B 163 27.73 -30.70 2.20
N GLY B 164 28.84 -31.02 1.53
CA GLY B 164 30.12 -31.11 2.21
C GLY B 164 30.84 -29.79 2.41
N ASN B 165 30.17 -28.67 2.16
CA ASN B 165 30.79 -27.35 2.18
C ASN B 165 30.25 -26.47 3.30
N VAL B 166 29.74 -27.06 4.37
CA VAL B 166 29.17 -26.31 5.47
C VAL B 166 30.17 -26.26 6.62
N SER B 167 30.49 -25.05 7.07
CA SER B 167 31.37 -24.89 8.21
C SER B 167 30.74 -25.49 9.46
N ALA B 168 31.51 -26.29 10.19
CA ALA B 168 31.00 -26.86 11.43
C ALA B 168 30.95 -25.79 12.51
N PRO B 169 29.81 -25.59 13.16
CA PRO B 169 29.75 -24.59 14.23
C PRO B 169 30.61 -25.00 15.43
N THR B 170 31.10 -23.99 16.14
CA THR B 170 31.72 -24.24 17.44
C THR B 170 30.69 -24.32 18.56
N ASN B 171 29.50 -23.77 18.35
CA ASN B 171 28.43 -23.81 19.35
C ASN B 171 27.11 -24.12 18.64
N PRO B 172 26.92 -25.37 18.21
CA PRO B 172 25.73 -25.72 17.44
C PRO B 172 24.44 -25.59 18.26
N ALA B 173 23.34 -25.32 17.55
CA ALA B 173 22.05 -25.15 18.21
C ALA B 173 21.59 -26.44 18.87
N ASP B 174 21.87 -27.58 18.25
CA ASP B 174 21.65 -28.88 18.86
C ASP B 174 22.50 -29.90 18.12
N SER B 175 22.54 -31.11 18.64
CA SER B 175 23.33 -32.18 18.04
C SER B 175 22.58 -32.95 16.97
N GLY B 176 21.33 -32.57 16.69
CA GLY B 176 20.52 -33.31 15.74
C GLY B 176 20.24 -32.54 14.47
N ASN B 177 18.98 -32.12 14.30
CA ASN B 177 18.58 -31.46 13.06
C ASN B 177 19.28 -30.11 12.87
N GLY B 178 19.71 -29.48 13.95
CA GLY B 178 20.31 -28.16 13.84
C GLY B 178 21.81 -28.12 14.02
N LYS B 179 22.50 -29.25 13.82
CA LYS B 179 23.92 -29.32 14.12
C LYS B 179 24.77 -28.44 13.22
N ASP B 180 24.21 -27.94 12.12
CA ASP B 180 24.92 -27.06 11.20
C ASP B 180 24.82 -25.58 11.60
N PHE B 181 24.05 -25.25 12.63
CA PHE B 181 23.71 -23.86 12.92
C PHE B 181 24.50 -23.36 14.12
N GLN B 182 25.36 -22.37 13.87
CA GLN B 182 26.06 -21.68 14.93
C GLN B 182 25.11 -20.75 15.66
N LYS B 183 25.07 -20.86 16.99
CA LYS B 183 24.29 -19.91 17.78
C LYS B 183 25.05 -18.59 17.86
N ASN B 184 24.35 -17.49 17.59
CA ASN B 184 24.94 -16.15 17.66
C ASN B 184 23.88 -15.16 18.14
N PRO B 185 23.51 -15.24 19.42
CA PRO B 185 22.50 -14.32 19.94
C PRO B 185 22.99 -12.88 20.04
N ASP B 186 24.30 -12.64 19.98
CA ASP B 186 24.80 -11.28 20.05
C ASP B 186 24.50 -10.49 18.77
N THR B 187 24.38 -11.18 17.62
CA THR B 187 23.97 -10.51 16.40
C THR B 187 22.54 -10.83 15.98
N LEU B 188 21.94 -11.88 16.54
CA LEU B 188 20.61 -12.33 16.14
C LEU B 188 19.59 -12.35 17.27
N TYR B 189 19.98 -11.93 18.48
CA TYR B 189 19.07 -11.83 19.62
C TYR B 189 19.54 -10.70 20.53
N PHE B 190 19.95 -9.58 19.93
CA PHE B 190 20.57 -8.49 20.66
C PHE B 190 19.58 -7.64 21.45
N HIS B 191 18.28 -7.95 21.38
CA HIS B 191 17.25 -7.12 21.97
C HIS B 191 16.87 -7.53 23.39
N LYS B 192 17.36 -8.67 23.87
CA LYS B 192 17.04 -9.20 25.19
C LYS B 192 18.35 -9.60 25.86
N VAL B 193 18.42 -9.47 27.18
CA VAL B 193 19.57 -9.97 27.93
C VAL B 193 19.61 -11.49 27.90
N GLN B 194 18.46 -12.12 28.12
CA GLN B 194 18.35 -13.57 28.09
C GLN B 194 18.52 -14.09 26.66
N ASN B 195 19.34 -15.19 26.51
CA ASN B 195 19.49 -15.84 25.21
C ASN B 195 18.50 -16.99 25.06
N PRO B 196 18.12 -17.31 23.82
CA PRO B 196 17.14 -18.40 23.63
C PRO B 196 17.57 -19.74 24.19
N ASP B 197 18.86 -20.05 24.21
CA ASP B 197 19.33 -21.36 24.63
C ASP B 197 19.48 -21.49 26.14
N GLY B 198 19.01 -20.51 26.90
CA GLY B 198 19.10 -20.57 28.35
C GLY B 198 20.29 -19.87 28.95
N THR B 199 21.30 -19.51 28.14
CA THR B 199 22.37 -18.68 28.67
C THR B 199 21.93 -17.23 28.70
N SER B 200 22.75 -16.39 29.33
CA SER B 200 22.46 -14.98 29.46
C SER B 200 23.67 -14.18 29.02
N LYS B 201 23.40 -13.02 28.42
CA LYS B 201 24.48 -12.06 28.20
C LYS B 201 25.07 -11.68 29.55
N VAL B 202 26.37 -11.40 29.56
CA VAL B 202 27.15 -11.29 30.78
C VAL B 202 27.32 -9.81 31.12
N PRO B 203 26.94 -9.37 32.32
CA PRO B 203 27.16 -7.97 32.71
C PRO B 203 28.64 -7.61 32.62
N GLY B 204 28.91 -6.39 32.14
CA GLY B 204 30.26 -5.97 31.89
C GLY B 204 30.76 -6.23 30.48
N THR B 205 29.90 -6.68 29.58
CA THR B 205 30.24 -6.91 28.18
C THR B 205 29.34 -6.05 27.30
N LYS B 206 29.80 -5.82 26.06
CA LYS B 206 29.06 -4.94 25.16
C LYS B 206 27.66 -5.47 24.86
N ALA B 207 27.53 -6.77 24.59
CA ALA B 207 26.22 -7.33 24.24
C ALA B 207 25.22 -7.11 25.35
N TYR B 208 25.62 -7.38 26.60
CA TYR B 208 24.74 -7.13 27.72
C TYR B 208 24.44 -5.65 27.86
N ASP B 209 25.46 -4.79 27.71
CA ASP B 209 25.20 -3.35 27.78
C ASP B 209 24.12 -2.94 26.78
N ILE B 210 24.29 -3.35 25.52
CA ILE B 210 23.32 -3.03 24.47
C ILE B 210 21.92 -3.46 24.89
N ALA B 211 21.76 -4.73 25.26
CA ALA B 211 20.43 -5.26 25.54
C ALA B 211 19.82 -4.63 26.80
N ASN B 212 20.60 -4.55 27.88
CA ASN B 212 20.09 -4.01 29.14
C ASN B 212 19.70 -2.54 29.01
N ASN B 213 20.57 -1.74 28.37
CA ASN B 213 20.24 -0.33 28.19
C ASN B 213 19.00 -0.18 27.32
N TYR B 214 18.85 -1.01 26.28
CA TYR B 214 17.64 -0.96 25.46
C TYR B 214 16.40 -1.28 26.29
N GLN B 215 16.45 -2.38 27.03
CA GLN B 215 15.30 -2.78 27.85
C GLN B 215 14.89 -1.66 28.79
N ASN B 216 15.87 -1.09 29.51
CA ASN B 216 15.56 -0.04 30.48
C ASN B 216 15.00 1.20 29.79
N PHE B 217 15.65 1.64 28.70
CA PHE B 217 15.18 2.79 27.96
C PHE B 217 13.72 2.64 27.56
N VAL B 218 13.38 1.51 26.92
CA VAL B 218 12.02 1.32 26.44
C VAL B 218 11.06 1.23 27.61
N ALA B 219 11.45 0.54 28.68
CA ALA B 219 10.55 0.41 29.82
C ALA B 219 10.26 1.75 30.48
N ASN B 220 11.15 2.74 30.34
CA ASN B 220 11.00 4.00 31.07
C ASN B 220 10.76 5.22 30.20
N ASP B 221 10.65 5.07 28.88
CA ASP B 221 10.55 6.24 28.02
C ASP B 221 9.15 6.85 28.08
N ALA B 222 9.08 8.16 28.32
CA ALA B 222 7.79 8.84 28.46
C ALA B 222 7.11 9.04 27.12
N THR B 223 7.88 9.33 26.07
CA THR B 223 7.27 9.59 24.76
C THR B 223 6.61 8.34 24.20
N ILE B 224 7.29 7.20 24.30
CA ILE B 224 6.73 5.94 23.83
C ILE B 224 5.45 5.60 24.60
N ALA B 225 5.51 5.69 25.93
CA ALA B 225 4.35 5.36 26.75
C ALA B 225 3.17 6.28 26.42
N GLY B 226 3.45 7.59 26.31
CA GLY B 226 2.38 8.53 26.05
C GLY B 226 1.77 8.39 24.67
N ALA B 227 2.61 8.15 23.65
CA ALA B 227 2.10 7.94 22.31
C ALA B 227 1.23 6.68 22.26
N GLU B 228 1.68 5.59 22.88
CA GLU B 228 0.88 4.37 22.88
C GLU B 228 -0.43 4.57 23.64
N LYS B 229 -0.40 5.37 24.72
CA LYS B 229 -1.62 5.69 25.43
C LYS B 229 -2.57 6.51 24.55
N THR B 230 -2.04 7.50 23.84
CA THR B 230 -2.83 8.31 22.91
C THR B 230 -3.53 7.43 21.88
N ILE B 231 -2.77 6.51 21.27
CA ILE B 231 -3.35 5.66 20.24
C ILE B 231 -4.39 4.71 20.82
N GLY B 232 -4.14 4.20 22.03
CA GLY B 232 -5.14 3.38 22.68
C GLY B 232 -6.41 4.13 23.02
N ASP B 233 -6.31 5.44 23.23
CA ASP B 233 -7.45 6.29 23.54
C ASP B 233 -8.07 6.92 22.30
N ASN B 234 -7.55 6.64 21.11
CA ASN B 234 -8.04 7.27 19.90
C ASN B 234 -9.50 6.88 19.66
N VAL B 235 -10.30 7.85 19.21
CA VAL B 235 -11.74 7.64 19.09
C VAL B 235 -12.04 6.48 18.14
N ASP B 236 -11.33 6.43 17.02
CA ASP B 236 -11.58 5.37 16.04
C ASP B 236 -11.15 4.01 16.58
N VAL B 237 -10.03 3.96 17.31
CA VAL B 237 -9.59 2.71 17.91
C VAL B 237 -10.62 2.20 18.91
N LYS B 238 -11.17 3.10 19.73
CA LYS B 238 -12.16 2.68 20.73
C LYS B 238 -13.44 2.20 20.07
N ARG B 239 -13.89 2.90 19.03
CA ARG B 239 -15.11 2.46 18.36
C ARG B 239 -14.90 1.13 17.65
N ALA B 240 -13.74 0.94 17.00
CA ALA B 240 -13.45 -0.34 16.37
C ALA B 240 -13.44 -1.47 17.38
N SER B 241 -12.78 -1.25 18.53
CA SER B 241 -12.73 -2.27 19.57
C SER B 241 -14.14 -2.65 20.03
N HIS B 242 -14.96 -1.64 20.35
CA HIS B 242 -16.30 -1.93 20.83
C HIS B 242 -17.14 -2.63 19.77
N ASP B 243 -17.07 -2.16 18.53
CA ASP B 243 -17.85 -2.77 17.46
C ASP B 243 -17.46 -4.23 17.25
N LEU B 244 -16.15 -4.50 17.25
CA LEU B 244 -15.68 -5.87 17.10
C LEU B 244 -16.21 -6.76 18.21
N LEU B 245 -16.10 -6.30 19.46
CA LEU B 245 -16.54 -7.13 20.57
C LEU B 245 -18.05 -7.24 20.66
N SER B 246 -18.78 -6.32 20.03
CA SER B 246 -20.24 -6.36 20.09
C SER B 246 -20.85 -7.48 19.26
N GLN B 247 -20.07 -8.15 18.40
CA GLN B 247 -20.59 -9.34 17.73
C GLN B 247 -20.71 -10.52 18.68
N ILE B 248 -20.04 -10.45 19.84
CA ILE B 248 -19.87 -11.58 20.74
C ILE B 248 -20.53 -11.31 22.10
N PHE B 249 -20.21 -10.17 22.71
CA PHE B 249 -20.60 -9.88 24.08
C PHE B 249 -21.73 -8.86 24.12
N THR B 250 -22.54 -8.96 25.17
CA THR B 250 -23.64 -8.02 25.36
C THR B 250 -23.10 -6.63 25.70
N GLU B 251 -23.97 -5.63 25.51
CA GLU B 251 -23.56 -4.25 25.78
C GLU B 251 -23.22 -4.05 27.24
N GLU B 252 -23.95 -4.72 28.14
CA GLU B 252 -23.75 -4.49 29.57
C GLU B 252 -22.44 -5.11 30.06
N PHE B 253 -22.10 -6.30 29.55
CA PHE B 253 -20.81 -6.91 29.90
C PHE B 253 -19.66 -6.02 29.46
N LEU B 254 -19.69 -5.55 28.21
CA LEU B 254 -18.64 -4.69 27.70
C LEU B 254 -18.59 -3.38 28.48
N ALA B 255 -19.75 -2.82 28.84
CA ALA B 255 -19.77 -1.59 29.62
C ALA B 255 -19.12 -1.80 30.98
N LYS B 256 -19.43 -2.92 31.63
CA LYS B 256 -18.74 -3.25 32.88
C LYS B 256 -17.24 -3.36 32.68
N LEU B 257 -16.81 -3.89 31.53
CA LEU B 257 -15.37 -3.96 31.25
C LEU B 257 -14.76 -2.57 31.16
N GLU B 258 -15.32 -1.70 30.31
CA GLU B 258 -14.71 -0.40 30.08
C GLU B 258 -14.74 0.49 31.31
N ASN B 259 -15.72 0.30 32.20
CA ASN B 259 -15.73 1.09 33.43
C ASN B 259 -14.76 0.55 34.47
N GLY B 260 -13.99 -0.49 34.13
CA GLY B 260 -13.02 -1.05 35.05
C GLY B 260 -13.57 -2.03 36.06
N GLU B 261 -14.82 -2.48 35.90
CA GLU B 261 -15.38 -3.45 36.84
C GLU B 261 -14.85 -4.86 36.60
N TYR B 262 -14.48 -5.18 35.36
CA TYR B 262 -13.84 -6.44 35.02
C TYR B 262 -12.36 -6.19 34.73
N LYS B 263 -11.53 -7.18 35.07
CA LYS B 263 -10.10 -7.09 34.82
C LYS B 263 -9.51 -8.49 34.90
N TRP B 264 -9.00 -9.00 33.80
CA TRP B 264 -8.54 -10.38 33.71
C TRP B 264 -7.03 -10.42 33.55
N TYR B 265 -6.37 -11.17 34.42
CA TYR B 265 -4.94 -11.42 34.34
C TYR B 265 -4.68 -12.81 33.78
N ASN B 266 -3.49 -12.99 33.20
CA ASN B 266 -3.11 -14.28 32.63
C ASN B 266 -2.64 -15.20 33.77
N THR B 267 -3.61 -15.60 34.60
CA THR B 267 -3.36 -16.46 35.75
C THR B 267 -4.40 -17.57 35.76
N THR B 268 -4.30 -18.45 36.77
CA THR B 268 -5.15 -19.62 36.83
C THR B 268 -6.63 -19.24 36.90
N ASP B 269 -6.96 -18.19 37.65
CA ASP B 269 -8.35 -17.80 37.84
C ASP B 269 -8.66 -16.41 37.31
N GLY B 270 -7.77 -15.86 36.47
CA GLY B 270 -7.98 -14.53 35.94
C GLY B 270 -7.73 -13.40 36.91
N THR B 271 -7.31 -13.70 38.13
CA THR B 271 -7.02 -12.72 39.16
C THR B 271 -5.51 -12.55 39.29
N LYS B 272 -5.08 -11.37 39.71
CA LYS B 272 -3.68 -11.20 40.09
C LYS B 272 -3.30 -12.09 41.26
N LYS B 273 -4.28 -12.63 41.98
CA LYS B 273 -4.05 -13.60 43.04
C LYS B 273 -4.02 -15.04 42.54
N GLY B 274 -4.18 -15.25 41.24
CA GLY B 274 -4.00 -16.58 40.68
C GLY B 274 -2.55 -16.87 40.36
N GLY B 275 -2.24 -18.14 40.14
CA GLY B 275 -0.89 -18.55 39.85
C GLY B 275 -0.58 -18.63 38.36
N LYS B 276 0.69 -18.90 38.06
CA LYS B 276 1.12 -19.13 36.69
C LYS B 276 0.26 -20.23 36.06
N ASN B 277 -0.28 -19.94 34.88
CA ASN B 277 -1.19 -20.84 34.19
C ASN B 277 -0.51 -21.40 32.94
N CYS B 278 -0.90 -22.61 32.57
CA CYS B 278 -0.36 -23.29 31.41
C CYS B 278 -1.51 -23.82 30.56
N ALA B 279 -1.26 -23.91 29.25
CA ALA B 279 -2.28 -24.38 28.33
C ALA B 279 -2.70 -25.80 28.70
N PRO B 280 -4.01 -26.10 28.74
CA PRO B 280 -4.45 -27.45 29.10
C PRO B 280 -3.95 -28.48 28.09
N GLY B 281 -3.32 -29.53 28.61
CA GLY B 281 -2.80 -30.62 27.80
C GLY B 281 -1.33 -30.51 27.45
N ALA B 282 -0.72 -29.35 27.68
CA ALA B 282 0.69 -29.15 27.36
C ALA B 282 1.57 -29.59 28.52
N ASP B 283 2.80 -29.99 28.16
CA ASP B 283 3.83 -30.31 29.13
C ASP B 283 4.67 -29.05 29.34
N ALA B 284 4.54 -28.44 30.53
CA ALA B 284 5.26 -27.20 30.82
C ALA B 284 6.77 -27.40 30.86
N SER B 285 7.23 -28.64 31.04
CA SER B 285 8.67 -28.90 31.05
C SER B 285 9.24 -28.87 29.63
N LYS B 286 8.54 -29.46 28.66
CA LYS B 286 9.00 -29.47 27.28
C LYS B 286 8.56 -28.23 26.51
N ASP B 287 7.51 -27.56 26.96
CA ASP B 287 6.93 -26.40 26.25
C ASP B 287 6.65 -25.30 27.26
N PRO B 288 7.69 -24.68 27.82
CA PRO B 288 7.45 -23.61 28.81
C PRO B 288 6.74 -22.41 28.23
N ASP B 289 6.77 -22.21 26.91
CA ASP B 289 6.01 -21.15 26.28
C ASP B 289 4.51 -21.35 26.44
N ALA B 290 4.07 -22.58 26.73
CA ALA B 290 2.67 -22.84 26.98
C ALA B 290 2.20 -22.31 28.32
N CYS B 291 3.09 -21.73 29.12
CA CYS B 291 2.72 -21.03 30.35
C CYS B 291 3.04 -19.56 30.15
N GLY B 292 2.03 -18.73 30.31
CA GLY B 292 2.15 -17.33 29.93
C GLY B 292 2.63 -16.43 31.06
N GLU B 293 3.07 -15.25 30.64
CA GLU B 293 3.50 -14.20 31.56
C GLU B 293 2.29 -13.67 32.33
N VAL B 294 2.31 -13.83 33.66
CA VAL B 294 1.14 -13.51 34.47
C VAL B 294 0.80 -12.03 34.49
N SER B 295 1.68 -11.17 34.02
CA SER B 295 1.43 -9.72 34.06
C SER B 295 0.66 -9.21 32.85
N LYS B 296 0.41 -10.05 31.85
CA LYS B 296 -0.43 -9.64 30.73
C LYS B 296 -1.88 -9.68 31.16
N LYS B 297 -2.65 -8.70 30.71
CA LYS B 297 -4.00 -8.53 31.22
C LYS B 297 -4.89 -7.98 30.12
N ILE B 298 -6.20 -8.20 30.29
CA ILE B 298 -7.20 -7.43 29.57
C ILE B 298 -7.80 -6.44 30.55
N LYS B 299 -7.64 -5.16 30.23
CA LYS B 299 -8.09 -4.08 31.08
C LYS B 299 -9.17 -3.25 30.42
N SER B 300 -9.44 -3.46 29.14
CA SER B 300 -10.27 -2.56 28.37
C SER B 300 -10.82 -3.31 27.17
N GLU B 301 -11.87 -2.74 26.57
CA GLU B 301 -12.33 -3.23 25.28
C GLU B 301 -11.19 -3.25 24.27
N TYR B 302 -10.31 -2.24 24.35
CA TYR B 302 -9.17 -2.17 23.45
C TYR B 302 -8.25 -3.39 23.61
N ASP B 303 -7.97 -3.78 24.86
CA ASP B 303 -7.14 -4.96 25.10
C ASP B 303 -7.78 -6.21 24.50
N ALA B 304 -9.06 -6.43 24.79
CA ALA B 304 -9.75 -7.63 24.33
C ALA B 304 -9.82 -7.68 22.81
N ALA B 305 -10.13 -6.55 22.19
CA ALA B 305 -10.18 -6.51 20.73
C ALA B 305 -8.82 -6.77 20.12
N MET B 306 -7.75 -6.24 20.72
CA MET B 306 -6.41 -6.51 20.21
C MET B 306 -6.06 -7.99 20.33
N ASP B 307 -6.48 -8.62 21.43
CA ASP B 307 -6.20 -10.06 21.57
C ASP B 307 -6.96 -10.87 20.52
N LEU B 308 -8.23 -10.55 20.31
CA LEU B 308 -9.01 -11.25 19.28
C LEU B 308 -8.40 -11.03 17.90
N TYR B 309 -7.98 -9.80 17.61
CA TYR B 309 -7.33 -9.50 16.35
C TYR B 309 -6.03 -10.30 16.19
N ASN B 310 -5.28 -10.47 17.29
CA ASN B 310 -4.06 -11.27 17.24
C ASN B 310 -4.36 -12.73 16.92
N LEU B 311 -5.46 -13.27 17.45
CA LEU B 311 -5.86 -14.62 17.06
C LEU B 311 -6.23 -14.68 15.58
N TYR B 312 -6.97 -13.68 15.11
CA TYR B 312 -7.33 -13.59 13.70
C TYR B 312 -6.08 -13.60 12.81
N ILE B 313 -5.07 -12.82 13.16
CA ILE B 313 -3.92 -12.71 12.26
C ILE B 313 -3.00 -13.91 12.39
N ILE B 314 -2.83 -14.47 13.60
CA ILE B 314 -1.98 -15.65 13.73
C ILE B 314 -2.61 -16.86 13.03
N ALA B 315 -3.95 -16.90 12.91
CA ALA B 315 -4.58 -18.02 12.22
C ALA B 315 -4.12 -18.10 10.77
N ALA B 316 -3.76 -16.96 10.17
CA ALA B 316 -3.26 -16.96 8.80
C ALA B 316 -1.92 -17.67 8.68
N ASP B 317 -1.23 -17.93 9.79
CA ASP B 317 0.05 -18.62 9.80
C ASP B 317 -0.07 -20.07 10.22
N MET B 318 -1.30 -20.56 10.47
CA MET B 318 -1.51 -21.89 11.01
C MET B 318 -2.44 -22.71 10.12
N HIS B 319 -2.43 -22.44 8.81
CA HIS B 319 -3.29 -23.17 7.88
C HIS B 319 -3.16 -24.68 8.06
N ASN B 320 -1.94 -25.20 7.98
CA ASN B 320 -1.76 -26.65 8.00
C ASN B 320 -2.09 -27.25 9.36
N GLU B 321 -2.17 -26.44 10.40
CA GLU B 321 -2.50 -26.89 11.74
C GLU B 321 -3.97 -26.68 12.09
N ASN B 322 -4.73 -26.05 11.20
CA ASN B 322 -6.16 -25.81 11.39
C ASN B 322 -6.94 -26.99 10.81
N THR B 323 -6.83 -28.14 11.49
CA THR B 323 -7.35 -29.41 10.98
C THR B 323 -7.86 -30.26 12.13
N GLY B 324 -8.46 -31.40 11.77
CA GLY B 324 -8.82 -32.41 12.75
C GLY B 324 -9.83 -31.89 13.75
N ASP B 325 -9.62 -32.24 15.02
CA ASP B 325 -10.52 -31.82 16.09
C ASP B 325 -10.01 -30.60 16.84
N HIS B 326 -9.11 -29.82 16.22
CA HIS B 326 -8.72 -28.51 16.75
C HIS B 326 -8.72 -27.50 15.60
N THR B 327 -9.87 -27.39 14.94
CA THR B 327 -10.08 -26.35 13.95
C THR B 327 -10.50 -25.05 14.65
N PHE B 328 -10.34 -23.95 13.93
CA PHE B 328 -10.66 -22.66 14.50
C PHE B 328 -10.92 -21.68 13.37
N ALA B 329 -11.83 -20.76 13.62
CA ALA B 329 -12.09 -19.67 12.69
C ALA B 329 -12.23 -18.40 13.49
N PHE B 330 -11.48 -17.37 13.11
CA PHE B 330 -11.65 -16.06 13.69
C PHE B 330 -11.96 -14.99 12.64
N ASP B 331 -11.80 -15.29 11.35
CA ASP B 331 -12.13 -14.30 10.34
C ASP B 331 -13.64 -14.11 10.16
N GLN B 332 -14.47 -14.97 10.75
CA GLN B 332 -15.90 -14.69 10.75
C GLN B 332 -16.24 -13.46 11.59
N TYR B 333 -15.32 -13.01 12.45
CA TYR B 333 -15.50 -11.79 13.22
C TYR B 333 -14.99 -10.56 12.50
N PHE B 334 -14.34 -10.71 11.35
CA PHE B 334 -13.83 -9.60 10.55
C PHE B 334 -14.38 -9.68 9.13
N GLN B 335 -15.69 -9.89 9.00
CA GLN B 335 -16.36 -9.96 7.72
C GLN B 335 -17.11 -8.65 7.45
N GLY B 336 -17.38 -8.42 6.17
CA GLY B 336 -18.13 -7.23 5.77
C GLY B 336 -17.51 -5.97 6.33
N ALA B 337 -18.37 -5.11 6.89
CA ALA B 337 -17.90 -3.84 7.44
C ALA B 337 -16.92 -4.03 8.59
N TYR B 338 -16.99 -5.18 9.27
CA TYR B 338 -16.06 -5.43 10.36
C TYR B 338 -14.64 -5.62 9.87
N ALA B 339 -14.47 -6.03 8.61
CA ALA B 339 -13.13 -6.29 8.09
C ALA B 339 -12.21 -5.09 8.30
N ASP B 340 -12.69 -3.89 7.93
CA ASP B 340 -11.84 -2.72 8.01
C ASP B 340 -11.65 -2.19 9.43
N ASP B 341 -12.42 -2.70 10.41
CA ASP B 341 -12.03 -2.44 11.80
C ASP B 341 -10.60 -2.89 12.04
N ALA B 342 -10.17 -3.95 11.33
CA ALA B 342 -8.80 -4.43 11.44
C ALA B 342 -7.80 -3.29 11.26
N ARG B 343 -8.10 -2.33 10.38
CA ARG B 343 -7.17 -1.22 10.15
C ARG B 343 -6.72 -0.63 11.48
N MET B 344 -7.68 -0.27 12.35
CA MET B 344 -7.31 0.33 13.62
C MET B 344 -6.40 -0.60 14.42
N PHE B 345 -6.81 -1.86 14.56
CA PHE B 345 -6.00 -2.82 15.29
C PHE B 345 -4.61 -2.92 14.67
N ALA B 346 -4.56 -3.01 13.33
CA ALA B 346 -3.25 -3.08 12.67
C ALA B 346 -2.41 -1.88 13.04
N TRP B 347 -3.01 -0.69 12.91
CA TRP B 347 -2.31 0.53 13.31
C TRP B 347 -1.75 0.38 14.71
N ALA B 348 -2.62 0.03 15.67
CA ALA B 348 -2.19 -0.04 17.06
C ALA B 348 -1.03 -1.00 17.18
N LEU B 349 -1.16 -2.20 16.60
CA LEU B 349 -0.09 -3.18 16.71
C LEU B 349 1.18 -2.62 16.09
N ASP B 350 1.06 -2.10 14.86
CA ASP B 350 2.23 -1.54 14.20
C ASP B 350 2.82 -0.44 15.06
N ALA B 351 1.96 0.38 15.67
CA ALA B 351 2.44 1.50 16.49
C ALA B 351 3.33 0.98 17.59
N GLU B 352 2.87 -0.05 18.31
CA GLU B 352 3.71 -0.61 19.37
C GLU B 352 5.08 -0.97 18.82
N ASP B 353 5.09 -1.75 17.74
CA ASP B 353 6.36 -2.19 17.18
C ASP B 353 7.15 -1.00 16.67
N PHE B 354 6.45 -0.02 16.08
CA PHE B 354 7.16 1.15 15.57
C PHE B 354 7.87 1.88 16.69
N TYR B 355 7.22 1.99 17.86
CA TYR B 355 7.75 2.88 18.88
C TYR B 355 8.81 2.20 19.75
N GLU B 356 8.68 0.90 19.94
CA GLU B 356 9.58 0.17 20.82
C GLU B 356 10.74 -0.47 20.06
N LYS B 357 10.54 -0.81 18.79
CA LYS B 357 11.51 -1.60 18.06
C LYS B 357 11.91 -1.04 16.71
N GLY B 358 11.22 -0.02 16.20
CA GLY B 358 11.53 0.53 14.90
C GLY B 358 12.17 1.90 14.98
N PRO B 359 11.92 2.73 13.97
CA PRO B 359 12.48 4.10 13.98
C PRO B 359 12.04 4.91 15.18
N SER B 360 10.83 4.70 15.68
CA SER B 360 10.31 5.35 16.89
C SER B 360 10.33 6.86 16.68
N TYR B 361 10.48 7.62 17.75
CA TYR B 361 10.30 9.06 17.68
C TYR B 361 11.63 9.78 17.42
N ALA B 362 11.51 10.98 16.86
CA ALA B 362 12.70 11.74 16.46
C ALA B 362 13.50 12.18 17.68
N GLY B 363 14.81 12.28 17.49
CA GLY B 363 15.71 12.74 18.53
C GLY B 363 16.34 11.65 19.36
N GLN B 364 16.08 10.38 19.05
CA GLN B 364 16.75 9.27 19.70
C GLN B 364 17.08 8.21 18.65
N ASN B 365 18.13 7.43 18.92
CA ASN B 365 18.47 6.28 18.10
C ASN B 365 18.52 5.00 18.91
N GLU B 366 18.07 5.03 20.16
CA GLU B 366 18.20 3.89 21.04
C GLU B 366 17.30 2.73 20.64
N THR B 367 16.19 2.98 19.93
CA THR B 367 15.32 1.87 19.59
C THR B 367 15.90 0.99 18.50
N TYR B 368 16.81 1.51 17.67
CA TYR B 368 17.34 0.73 16.56
C TYR B 368 18.86 0.58 16.56
N SER B 369 19.59 1.39 17.33
CA SER B 369 21.04 1.25 17.40
C SER B 369 21.45 -0.13 17.89
N ILE B 370 20.57 -0.84 18.60
CA ILE B 370 20.87 -2.17 19.08
C ILE B 370 21.20 -3.14 17.95
N ALA B 371 20.83 -2.81 16.73
CA ALA B 371 21.13 -3.66 15.59
C ALA B 371 22.56 -3.46 15.05
N GLN B 372 23.36 -2.61 15.69
CA GLN B 372 24.69 -2.33 15.15
C GLN B 372 25.61 -3.54 15.07
N PRO B 373 25.62 -4.47 16.05
CA PRO B 373 26.45 -5.68 15.85
C PRO B 373 26.11 -6.42 14.56
N LEU B 374 24.82 -6.62 14.28
CA LEU B 374 24.44 -7.32 13.06
C LEU B 374 24.99 -6.60 11.83
N LEU B 375 24.73 -5.29 11.73
CA LEU B 375 25.32 -4.50 10.63
C LEU B 375 26.83 -4.68 10.61
N ASP B 376 27.49 -4.59 11.76
CA ASP B 376 28.93 -4.77 11.80
C ASP B 376 29.30 -6.09 11.15
N ASP B 377 28.59 -7.17 11.51
CA ASP B 377 28.93 -8.47 10.95
C ASP B 377 28.65 -8.51 9.47
N PHE B 378 27.54 -7.89 9.02
CA PHE B 378 27.27 -7.84 7.59
C PHE B 378 28.46 -7.28 6.83
N LEU B 379 29.15 -6.31 7.42
CA LEU B 379 30.32 -5.77 6.75
C LEU B 379 31.55 -6.62 7.03
N ASN B 380 31.72 -7.08 8.27
CA ASN B 380 32.95 -7.77 8.65
C ASN B 380 33.13 -9.04 7.84
N THR B 381 32.07 -9.83 7.70
CA THR B 381 32.18 -11.06 6.93
C THR B 381 32.62 -10.77 5.50
N ILE B 382 32.14 -9.67 4.92
CA ILE B 382 32.61 -9.29 3.59
C ILE B 382 34.12 -9.12 3.59
N ASP B 383 34.64 -8.33 4.53
CA ASP B 383 36.08 -8.17 4.66
C ASP B 383 36.76 -9.52 4.80
N ALA B 384 36.17 -10.42 5.59
CA ALA B 384 36.79 -11.72 5.80
C ALA B 384 36.97 -12.46 4.48
N ARG B 385 36.02 -12.30 3.56
CA ARG B 385 36.15 -12.92 2.24
C ARG B 385 37.18 -12.17 1.40
N VAL B 386 37.22 -10.84 1.51
CA VAL B 386 38.15 -10.05 0.71
C VAL B 386 39.58 -10.38 1.11
N ASN B 387 39.84 -10.56 2.40
CA ASN B 387 41.16 -10.86 2.92
C ASN B 387 41.58 -12.32 2.71
N GLY B 388 40.85 -13.08 1.89
CA GLY B 388 41.25 -14.42 1.54
C GLY B 388 40.54 -15.55 2.26
N GLY B 389 39.47 -15.25 2.99
CA GLY B 389 38.72 -16.30 3.65
C GLY B 389 37.95 -17.18 2.65
N SER B 390 37.61 -18.38 3.10
CA SER B 390 36.96 -19.35 2.24
C SER B 390 35.44 -19.32 2.35
N THR B 391 34.89 -18.64 3.35
CA THR B 391 33.44 -18.61 3.52
C THR B 391 32.83 -17.71 2.45
N VAL B 392 32.04 -18.31 1.55
CA VAL B 392 31.41 -17.57 0.47
C VAL B 392 29.99 -17.13 0.82
N ALA B 393 29.43 -17.57 1.94
CA ALA B 393 28.06 -17.19 2.29
C ALA B 393 27.85 -17.34 3.78
N THR B 394 27.12 -16.38 4.36
CA THR B 394 26.66 -16.45 5.75
C THR B 394 25.14 -16.29 5.74
N PHE B 395 24.42 -17.34 6.12
CA PHE B 395 22.97 -17.33 6.16
C PHE B 395 22.52 -17.32 7.62
N ARG B 396 21.78 -16.29 8.02
CA ARG B 396 21.40 -16.06 9.42
C ARG B 396 19.89 -16.13 9.58
N PHE B 397 19.44 -16.64 10.73
CA PHE B 397 18.01 -16.83 10.97
C PHE B 397 17.65 -16.28 12.34
N ALA B 398 16.62 -15.41 12.38
CA ALA B 398 16.34 -14.67 13.61
C ALA B 398 14.88 -14.29 13.75
N HIS B 399 14.62 -13.02 14.04
CA HIS B 399 13.32 -12.61 14.56
C HIS B 399 12.89 -11.28 13.99
N ALA B 400 11.61 -10.96 14.18
CA ALA B 400 11.13 -9.61 13.88
C ALA B 400 11.77 -8.58 14.79
N GLU B 401 12.06 -8.96 16.04
CA GLU B 401 12.79 -8.10 16.95
C GLU B 401 14.22 -7.87 16.48
N THR B 402 14.69 -8.68 15.55
CA THR B 402 15.93 -8.43 14.83
C THR B 402 15.71 -7.56 13.61
N MET B 403 14.66 -7.87 12.83
CA MET B 403 14.49 -7.22 11.53
C MET B 403 14.08 -5.77 11.65
N MET B 404 13.20 -5.45 12.60
CA MET B 404 12.71 -4.08 12.74
C MET B 404 13.83 -3.09 13.04
N PRO B 405 14.66 -3.28 14.08
CA PRO B 405 15.75 -2.32 14.29
C PRO B 405 16.81 -2.39 13.21
N PHE B 406 17.04 -3.57 12.62
CA PHE B 406 17.98 -3.67 11.51
C PHE B 406 17.53 -2.82 10.32
N ALA B 407 16.24 -2.92 9.96
CA ALA B 407 15.71 -2.12 8.88
C ALA B 407 15.74 -0.63 9.21
N ALA B 408 15.39 -0.27 10.45
CA ALA B 408 15.44 1.13 10.84
C ALA B 408 16.88 1.66 10.83
N LEU B 409 17.84 0.82 11.22
CA LEU B 409 19.24 1.24 11.22
C LEU B 409 19.76 1.41 9.81
N LEU B 410 19.42 0.48 8.91
CA LEU B 410 19.82 0.62 7.52
C LEU B 410 19.03 1.69 6.79
N GLY B 411 17.91 2.13 7.34
CA GLY B 411 17.02 3.01 6.59
C GLY B 411 16.37 2.30 5.42
N LEU B 412 15.99 1.04 5.59
CA LEU B 412 15.35 0.28 4.52
C LEU B 412 14.00 0.93 4.14
N PRO B 413 13.48 0.61 2.96
CA PRO B 413 12.15 1.14 2.59
C PRO B 413 11.10 0.78 3.63
N GLY B 414 10.34 1.80 4.04
CA GLY B 414 9.35 1.68 5.09
C GLY B 414 9.85 2.09 6.46
N SER B 415 11.17 2.14 6.67
CA SER B 415 11.76 2.39 7.98
C SER B 415 12.64 3.64 7.95
N THR B 416 12.29 4.63 7.13
CA THR B 416 13.09 5.82 6.97
C THR B 416 12.52 7.03 7.71
N GLN B 417 11.39 6.89 8.39
CA GLN B 417 10.61 8.02 8.88
C GLN B 417 10.39 7.89 10.38
N GLN B 418 11.11 8.68 11.17
CA GLN B 418 10.83 8.74 12.59
C GLN B 418 9.58 9.59 12.85
N ALA B 419 8.87 9.24 13.91
CA ALA B 419 7.68 9.97 14.30
C ALA B 419 8.06 11.25 15.03
N PRO B 420 7.18 12.26 15.04
CA PRO B 420 7.49 13.49 15.77
C PRO B 420 7.75 13.22 17.25
N ALA B 421 8.58 14.07 17.85
CA ALA B 421 8.89 13.97 19.28
C ALA B 421 7.69 14.50 20.07
N SER B 422 6.67 13.66 20.17
CA SER B 422 5.39 14.08 20.72
C SER B 422 4.63 12.86 21.19
N THR B 423 3.83 13.04 22.24
CA THR B 423 2.88 12.02 22.69
C THR B 423 1.51 12.19 22.07
N THR B 424 1.29 13.23 21.26
CA THR B 424 0.01 13.43 20.59
C THR B 424 0.11 13.53 19.07
N ASP B 425 1.21 14.09 18.54
CA ASP B 425 1.47 14.08 17.10
C ASP B 425 2.20 12.77 16.81
N VAL B 426 1.42 11.70 16.74
CA VAL B 426 1.96 10.35 16.81
C VAL B 426 2.08 9.75 15.42
N TYR B 427 2.82 8.65 15.33
CA TYR B 427 2.86 7.80 14.14
C TYR B 427 1.47 7.37 13.73
N THR B 428 1.15 7.57 12.45
CA THR B 428 -0.11 7.12 11.89
C THR B 428 0.15 6.53 10.51
N TYR B 429 -0.82 5.74 10.03
CA TYR B 429 -0.77 5.29 8.65
C TYR B 429 -0.83 6.45 7.65
N GLY B 430 -1.13 7.66 8.12
CA GLY B 430 -1.22 8.81 7.24
C GLY B 430 0.00 9.71 7.20
N ASN B 431 0.94 9.55 8.14
CA ASN B 431 2.16 10.36 8.13
C ASN B 431 3.43 9.52 8.11
N ASN B 432 3.33 8.23 7.79
CA ASN B 432 4.48 7.34 7.88
C ASN B 432 4.20 6.08 7.07
N GLU B 433 5.24 5.58 6.40
CA GLU B 433 5.13 4.40 5.55
C GLU B 433 5.33 3.09 6.31
N TRP B 434 5.69 3.13 7.58
CA TRP B 434 6.02 1.90 8.31
C TRP B 434 4.79 1.02 8.45
N ARG B 435 4.88 -0.20 7.91
CA ARG B 435 3.82 -1.21 8.02
C ARG B 435 4.46 -2.51 8.45
N GLY B 436 3.86 -3.16 9.46
CA GLY B 436 4.37 -4.45 9.88
C GLY B 436 4.38 -5.47 8.76
N GLU B 437 3.34 -5.47 7.92
CA GLU B 437 3.24 -6.48 6.87
C GLU B 437 4.33 -6.34 5.81
N SER B 438 4.90 -5.15 5.65
CA SER B 438 5.94 -4.88 4.67
C SER B 438 7.33 -4.85 5.28
N VAL B 439 7.48 -4.26 6.47
CA VAL B 439 8.79 -4.17 7.11
C VAL B 439 9.22 -5.53 7.65
N THR B 440 8.30 -6.26 8.27
CA THR B 440 8.70 -7.49 8.95
C THR B 440 7.64 -8.59 8.90
N PRO B 441 7.20 -9.03 7.71
CA PRO B 441 6.33 -10.20 7.65
C PRO B 441 7.07 -11.44 8.12
N MET B 442 6.32 -12.53 8.29
CA MET B 442 6.95 -13.83 8.51
C MET B 442 7.95 -14.09 7.39
N ALA B 443 9.12 -14.61 7.78
CA ALA B 443 10.21 -14.95 6.86
C ALA B 443 10.77 -13.72 6.14
N ALA B 444 10.53 -12.51 6.66
CA ALA B 444 11.15 -11.32 6.09
C ALA B 444 12.67 -11.49 6.08
N ASN B 445 13.33 -10.97 5.05
CA ASN B 445 14.75 -11.26 4.92
C ASN B 445 15.47 -10.18 4.12
N VAL B 446 16.69 -9.88 4.55
CA VAL B 446 17.61 -9.01 3.83
C VAL B 446 18.73 -9.89 3.28
N GLN B 447 19.00 -9.79 1.98
CA GLN B 447 20.13 -10.48 1.39
C GLN B 447 21.00 -9.49 0.62
N TRP B 448 22.31 -9.70 0.71
CA TRP B 448 23.31 -8.90 0.00
C TRP B 448 24.09 -9.83 -0.92
N ASP B 449 24.25 -9.40 -2.18
CA ASP B 449 25.16 -10.04 -3.13
C ASP B 449 26.38 -9.15 -3.28
N VAL B 450 27.57 -9.74 -3.24
CA VAL B 450 28.83 -9.02 -3.25
C VAL B 450 29.65 -9.53 -4.41
N TYR B 451 30.00 -8.61 -5.32
CA TYR B 451 30.81 -8.90 -6.51
C TYR B 451 32.12 -8.14 -6.45
N ALA B 452 33.08 -8.56 -7.27
CA ALA B 452 34.37 -7.90 -7.34
C ALA B 452 34.94 -8.03 -8.74
N ARG B 453 35.78 -7.09 -9.13
CA ARG B 453 36.50 -7.15 -10.39
C ARG B 453 38.00 -7.34 -10.12
N LYS B 454 38.68 -7.91 -11.10
CA LYS B 454 40.10 -8.16 -10.98
C LYS B 454 40.88 -6.87 -11.23
N GLY B 455 42.19 -6.94 -10.99
CA GLY B 455 43.06 -5.82 -11.31
C GLY B 455 43.41 -4.96 -10.14
N GLU B 456 43.59 -3.66 -10.39
CA GLU B 456 44.13 -2.78 -9.38
C GLU B 456 43.82 -1.34 -9.76
N ASP B 457 43.25 -0.59 -8.83
CA ASP B 457 42.90 0.81 -9.06
C ASP B 457 44.16 1.63 -9.37
N GLY B 461 46.02 2.88 -5.82
CA GLY B 461 47.13 1.94 -5.78
C GLY B 461 46.76 0.61 -5.17
N GLN B 462 45.48 0.47 -4.84
CA GLN B 462 44.96 -0.75 -4.23
C GLN B 462 44.00 -1.44 -5.19
N ARG B 463 43.50 -2.60 -4.78
CA ARG B 463 42.57 -3.32 -5.63
C ARG B 463 41.16 -2.72 -5.54
N TYR B 464 40.38 -2.96 -6.58
CA TYR B 464 39.05 -2.37 -6.67
C TYR B 464 38.17 -2.75 -5.50
N THR B 465 37.32 -1.82 -5.07
CA THR B 465 36.36 -2.12 -4.02
C THR B 465 35.35 -3.14 -4.51
N PRO B 466 34.93 -4.08 -3.66
CA PRO B 466 33.75 -4.89 -3.99
C PRO B 466 32.52 -4.00 -4.12
N ILE B 467 31.50 -4.54 -4.78
CA ILE B 467 30.21 -3.87 -4.91
C ILE B 467 29.13 -4.79 -4.36
N VAL B 468 28.03 -4.17 -3.94
CA VAL B 468 27.02 -4.82 -3.12
C VAL B 468 25.64 -4.44 -3.65
N ARG B 469 24.77 -5.44 -3.77
CA ARG B 469 23.38 -5.23 -4.18
C ARG B 469 22.47 -5.91 -3.17
N MET B 470 21.35 -5.25 -2.84
CA MET B 470 20.46 -5.71 -1.78
C MET B 470 19.09 -6.14 -2.30
N LEU B 471 18.63 -7.30 -1.83
CA LEU B 471 17.23 -7.72 -1.94
C LEU B 471 16.60 -7.68 -0.56
N TYR B 472 15.37 -7.15 -0.50
CA TYR B 472 14.59 -7.03 0.71
C TYR B 472 13.26 -7.75 0.49
N ASN B 473 13.03 -8.81 1.26
CA ASN B 473 11.91 -9.72 1.00
C ASN B 473 11.91 -10.16 -0.46
N GLU B 474 13.11 -10.31 -1.01
CA GLU B 474 13.38 -10.79 -2.36
C GLU B 474 12.90 -9.82 -3.43
N ASN B 475 12.72 -8.54 -3.08
CA ASN B 475 12.61 -7.47 -4.06
C ASN B 475 13.92 -6.72 -4.11
N GLU B 476 14.43 -6.50 -5.32
CA GLU B 476 15.65 -5.70 -5.45
C GLU B 476 15.35 -4.26 -5.01
N VAL B 477 16.14 -3.75 -4.06
CA VAL B 477 15.89 -2.40 -3.57
C VAL B 477 17.19 -1.61 -3.55
N PRO B 478 17.14 -0.29 -3.63
CA PRO B 478 18.34 0.52 -3.38
C PRO B 478 18.65 0.54 -1.88
N PHE B 479 19.86 1.01 -1.57
CA PHE B 479 20.17 1.40 -0.21
C PHE B 479 19.57 2.78 0.06
N ARG B 480 19.73 3.27 1.29
CA ARG B 480 19.11 4.53 1.68
C ARG B 480 19.63 5.67 0.81
N SER B 481 18.79 6.71 0.69
CA SER B 481 19.04 7.76 -0.30
C SER B 481 20.35 8.50 -0.09
N GLU B 482 20.89 8.52 1.13
CA GLU B 482 22.19 9.13 1.35
C GLU B 482 23.30 8.41 0.58
N CYS B 483 23.13 7.12 0.30
CA CYS B 483 24.16 6.34 -0.38
C CYS B 483 24.13 6.59 -1.89
N THR B 484 25.32 6.68 -2.48
CA THR B 484 25.44 6.91 -3.91
C THR B 484 25.77 5.61 -4.62
N PRO B 485 24.97 5.16 -5.57
CA PRO B 485 25.29 3.90 -6.28
C PRO B 485 26.43 4.10 -7.27
N VAL B 486 26.84 2.99 -7.88
CA VAL B 486 27.99 3.02 -8.79
C VAL B 486 27.71 3.81 -10.05
N ALA B 487 26.44 3.98 -10.41
CA ALA B 487 26.04 4.75 -11.58
C ALA B 487 24.58 5.15 -11.42
N ASP B 488 24.16 6.10 -12.25
CA ASP B 488 22.78 6.56 -12.22
C ASP B 488 21.82 5.40 -12.42
N GLY B 489 20.87 5.26 -11.51
CA GLY B 489 19.84 4.23 -11.60
C GLY B 489 20.28 2.85 -11.19
N SER B 490 21.51 2.68 -10.73
CA SER B 490 22.00 1.36 -10.35
C SER B 490 21.62 1.04 -8.91
N THR B 491 21.48 -0.26 -8.63
CA THR B 491 21.28 -0.76 -7.28
C THR B 491 22.55 -1.37 -6.69
N TRP B 492 23.69 -1.18 -7.34
CA TRP B 492 24.97 -1.69 -6.86
C TRP B 492 25.77 -0.55 -6.25
N TYR B 493 26.35 -0.80 -5.07
CA TYR B 493 27.05 0.23 -4.31
C TYR B 493 28.43 -0.25 -3.91
N LYS B 494 29.38 0.67 -3.87
CA LYS B 494 30.73 0.31 -3.43
C LYS B 494 30.72 -0.03 -1.95
N LEU B 495 31.61 -0.97 -1.57
CA LEU B 495 31.74 -1.32 -0.15
C LEU B 495 32.24 -0.14 0.66
N THR B 496 33.17 0.64 0.10
CA THR B 496 33.60 1.87 0.76
C THR B 496 32.43 2.85 0.92
N GLU B 497 31.63 2.98 -0.15
CA GLU B 497 30.47 3.87 -0.06
C GLU B 497 29.52 3.43 1.03
N LEU B 498 29.28 2.12 1.15
CA LEU B 498 28.37 1.64 2.17
C LEU B 498 28.95 1.83 3.57
N LYS B 499 30.26 1.59 3.74
CA LYS B 499 30.87 1.81 5.04
C LYS B 499 30.77 3.27 5.45
N SER B 500 30.76 4.19 4.49
CA SER B 500 30.58 5.60 4.82
C SER B 500 29.11 5.94 5.07
N CYS B 501 28.26 5.72 4.07
CA CYS B 501 26.88 6.24 4.10
C CYS B 501 25.98 5.51 5.09
N LEU B 502 26.34 4.29 5.50
CA LEU B 502 25.56 3.57 6.49
C LEU B 502 26.00 3.86 7.91
N ALA B 503 27.06 4.63 8.09
CA ALA B 503 27.51 5.04 9.42
C ALA B 503 26.59 6.14 9.95
N ALA B 504 26.86 6.58 11.18
CA ALA B 504 25.93 7.46 11.89
C ALA B 504 25.68 8.77 11.16
N ASP B 505 26.70 9.31 10.50
CA ASP B 505 26.59 10.60 9.84
C ASP B 505 26.01 10.50 8.43
N HIS B 506 25.91 9.29 7.87
CA HIS B 506 25.31 9.05 6.57
C HIS B 506 25.97 9.90 5.48
N LYS B 507 27.29 9.97 5.53
CA LYS B 507 28.08 10.69 4.54
C LYS B 507 28.31 9.83 3.31
N THR B 508 28.08 10.40 2.13
CA THR B 508 28.40 9.72 0.89
C THR B 508 29.80 10.10 0.42
N LEU B 509 30.47 9.16 -0.24
CA LEU B 509 31.74 9.48 -0.89
C LEU B 509 31.53 10.25 -2.19
N GLY B 510 30.29 10.48 -2.59
CA GLY B 510 30.03 11.33 -3.74
C GLY B 510 30.57 10.73 -5.02
N GLN B 511 31.36 11.52 -5.75
CA GLN B 511 31.87 11.08 -7.04
C GLN B 511 32.79 9.88 -6.90
N ASP B 512 33.42 9.70 -5.74
CA ASP B 512 34.25 8.53 -5.54
C ASP B 512 33.44 7.25 -5.40
N ALA B 513 32.16 7.36 -5.06
CA ALA B 513 31.30 6.17 -5.01
C ALA B 513 31.01 5.62 -6.40
N ARG B 514 31.17 6.44 -7.44
CA ARG B 514 30.93 5.99 -8.81
C ARG B 514 32.08 5.13 -9.30
N ILE B 515 31.77 4.18 -10.18
CA ILE B 515 32.82 3.43 -10.85
C ILE B 515 33.16 4.14 -12.15
C1 IHS C . -13.44 18.52 -11.73
C1 IHS C . -13.79 16.97 -13.92
O1 IHS C . -13.56 19.87 -11.28
O1 IHS C . -14.11 16.67 -15.28
S1 IHS C . -14.16 20.06 -9.91
S1 IHS C . -15.17 15.63 -15.50
C2 IHS C . -12.02 18.10 -11.56
C2 IHS C . -13.95 18.47 -13.75
O2 IHS C . -13.57 19.12 -8.95
O2 IHS C . -14.69 14.29 -15.09
S2 IHS C . -10.09 19.78 -11.56
S2 IHS C . -14.14 20.00 -15.75
C3 IHS C . -11.84 16.65 -12.05
C3 IHS C . -13.38 18.97 -12.42
O3 IHS C . -14.00 21.48 -9.47
O3 IHS C . -16.46 15.99 -14.82
S3 IHS C . -10.08 15.50 -10.71
S3 IHS C . -14.51 21.03 -11.63
C4 IHS C . -12.30 16.45 -13.49
C4 IHS C . -11.96 18.48 -12.19
O4 IHS C . -15.68 19.95 -9.97
O4 IHS C . -15.58 15.60 -16.97
S4 IHS C . -11.38 14.45 -14.83
S4 IHS C . -10.23 19.80 -10.84
C5 IHS C . -13.70 17.02 -13.73
C5 IHS C . -11.88 16.96 -12.29
S5 IHS C . -15.12 16.20 -15.69
S5 IHS C . -10.22 15.70 -10.83
C6 IHS C . -13.87 18.43 -13.20
C6 IHS C . -12.36 16.49 -13.65
S6 IHS C . -15.53 20.02 -14.12
S6 IHS C . -11.46 14.45 -14.74
O12 IHS C . -11.18 18.98 -12.30
O12 IHS C . -13.28 19.12 -14.81
O13 IHS C . -10.48 16.27 -11.95
O13 IHS C . -13.38 20.37 -12.42
O14 IHS C . -12.34 15.00 -13.76
O14 IHS C . -11.50 18.93 -10.87
O15 IHS C . -13.94 17.05 -15.16
O15 IHS C . -10.51 16.52 -12.10
O16 IHS C . -15.22 18.78 -13.33
O16 IHS C . -12.32 15.09 -13.69
O22 IHS C . -10.48 20.14 -10.15
O22 IHS C . -15.57 19.52 -15.79
O23 IHS C . -10.03 16.42 -9.48
O23 IHS C . -15.87 20.60 -12.17
O24 IHS C . -11.17 12.97 -14.57
O24 IHS C . -9.79 20.03 -9.41
O25 IHS C . -16.42 16.93 -15.51
O25 IHS C . -11.16 14.54 -10.71
O26 IHS C . -15.35 19.78 -15.59
O26 IHS C . -10.06 14.99 -14.69
O32 IHS C . -9.75 21.03 -12.35
O32 IHS C . -14.07 21.45 -15.32
O33 IHS C . -10.99 14.32 -10.45
O33 IHS C . -14.38 20.70 -10.14
O34 IHS C . -10.05 15.18 -14.87
O34 IHS C . -10.43 21.10 -11.58
O35 IHS C . -15.15 14.86 -15.05
O35 IHS C . -10.29 16.57 -9.62
O36 IHS C . -14.70 21.20 -13.66
O36 IHS C . -12.06 14.62 -16.12
O42 IHS C . -8.86 18.94 -11.31
O42 IHS C . -13.71 19.83 -17.19
O43 IHS C . -8.72 14.82 -10.94
O43 IHS C . -14.38 22.56 -11.63
O44 IHS C . -11.90 14.71 -16.21
O44 IHS C . -9.14 19.16 -11.65
O45 IHS C . -15.06 16.08 -17.17
O45 IHS C . -8.90 15.03 -10.93
O46 IHS C . -16.93 20.50 -13.81
O46 IHS C . -11.46 12.95 -14.57
P PO4 D . -34.76 4.78 -19.51
O1 PO4 D . -35.26 5.65 -18.39
O2 PO4 D . -35.87 3.86 -19.97
O3 PO4 D . -33.59 3.95 -19.03
O4 PO4 D . -34.32 5.63 -20.70
C1 IHS E . 9.03 -12.04 20.14
C1 IHS E . 6.94 -10.88 21.26
O1 IHS E . 9.99 -13.09 20.18
O1 IHS E . 6.09 -11.07 22.39
S1 IHS E . 11.44 -12.67 20.17
S1 IHS E . 6.05 -9.93 23.39
C2 IHS E . 8.21 -12.18 21.39
C2 IHS E . 6.08 -10.98 20.03
O2 IHS E . 11.74 -11.90 18.94
O2 IHS E . 7.26 -9.98 24.21
S2 IHS E . 8.31 -14.37 22.69
S2 IHS E . 3.84 -12.20 19.87
C3 IHS E . 6.98 -11.27 21.34
C3 IHS E . 6.97 -10.93 18.79
O3 IHS E . 11.79 -11.91 21.40
O3 IHS E . 5.87 -8.60 22.70
S3 IHS E . 6.07 -10.40 23.48
S3 IHS E . 6.06 -9.88 16.72
C4 IHS E . 6.17 -11.49 20.09
C4 IHS E . 8.10 -11.96 18.82
O4 IHS E . 12.33 -13.90 20.30
O4 IHS E . 4.77 -9.99 24.23
S4 IHS E . 3.62 -11.25 19.98
S4 IHS E . 9.19 -13.15 16.81
C5 IHS E . 7.03 -11.23 18.86
C5 IHS E . 8.99 -11.94 20.07
S5 IHS E . 5.98 -10.22 16.75
S5 IHS E . 11.32 -13.26 20.15
C6 IHS E . 8.20 -12.18 18.86
C6 IHS E . 8.09 -11.92 21.29
S6 IHS E . 9.18 -13.04 16.78
S6 IHS E . 8.97 -12.87 23.48
O12 IHS E . 7.78 -13.53 21.51
O12 IHS E . 5.35 -12.21 20.11
O13 IHS E . 6.19 -11.54 22.47
O13 IHS E . 6.21 -11.10 17.62
O14 IHS E . 5.00 -10.60 20.08
O14 IHS E . 8.93 -11.84 17.61
O15 IHS E . 6.24 -11.44 17.66
O15 IHS E . 9.76 -13.19 20.13
O16 IHS E . 9.01 -11.93 17.76
O16 IHS E . 8.78 -11.74 22.51
O22 IHS E . 9.20 -13.55 23.58
O22 IHS E . 3.29 -10.93 20.38
O23 IHS E . 7.45 -10.04 24.04
O23 IHS E . 5.14 -8.87 17.43
O24 IHS E . 2.56 -10.17 20.11
O24 IHS E . 9.71 -12.67 15.45
O25 IHS E . 7.26 -9.58 16.34
O25 IHS E . 11.88 -12.63 21.38
O26 IHS E . 7.84 -13.55 16.29
O26 IHS E . 10.44 -13.05 23.71
O32 IHS E . 7.15 -14.95 23.47
O32 IHS E . 3.32 -13.23 20.82
O33 IHS E . 5.40 -9.19 22.85
O33 IHS E . 7.36 -9.26 16.33
O34 IHS E . 3.46 -11.97 18.67
O34 IHS E . 9.98 -14.21 17.51
O35 IHS E . 5.05 -9.25 17.41
O35 IHS E . 11.85 -12.42 19.06
O36 IHS E . 10.04 -12.59 15.62
O36 IHS E . 8.21 -12.58 24.78
O42 IHS E . 9.26 -15.45 22.22
O42 IHS E . 3.42 -12.31 18.37
O43 IHS E . 5.11 -10.80 24.59
O43 IHS E . 5.51 -10.26 15.33
O44 IHS E . 3.42 -12.37 20.99
O44 IHS E . 7.85 -13.80 16.49
O45 IHS E . 5.41 -10.67 15.46
O45 IHS E . 11.79 -14.69 20.18
O46 IHS E . 10.02 -14.17 17.37
O46 IHS E . 8.34 -14.18 23.10
P PO4 F . -2.42 1.98 3.82
O1 PO4 F . -3.78 1.29 3.78
O2 PO4 F . -2.01 2.40 2.43
O3 PO4 F . -1.38 1.02 4.38
O4 PO4 F . -2.52 3.22 4.69
#